data_4OHO
#
_entry.id   4OHO
#
_cell.length_a   148.923
_cell.length_b   148.923
_cell.length_c   132.394
_cell.angle_alpha   90.00
_cell.angle_beta   90.00
_cell.angle_gamma   120.00
#
_symmetry.space_group_name_H-M   'P 65'
#
loop_
_entity.id
_entity.type
_entity.pdbx_description
1 polymer 'Glucokinase regulatory protein'
2 non-polymer 5-{[(3S)-3-(prop-1-yn-1-yl)-4-{4-[S-(trifluoromethyl)sulfonimidoyl]phenyl}piperazin-1-yl]sulfonyl}pyridin-2-amine
3 non-polymer D-SORBITOL-6-PHOSPHATE
4 non-polymer 'IODIDE ION'
5 non-polymer GLYCEROL
6 non-polymer 'SULFATE ION'
7 water water
#
_entity_poly.entity_id   1
_entity_poly.type   'polypeptide(L)'
_entity_poly.pdbx_seq_one_letter_code
;MAHHHHHHDEVDMPGTKRFQHVIETPEPGKWELSGYEAAVPITEKSNPLTQDLDKADAENIVRLLGQCDAEIFQEEGQAL
STYQRLYSESILTTMVQVAGKVQEVLKEPDGGLVVLSGGGTSGRMAFLMSVSFNQLMKGLGQKPLYTYLIAGGDRSVVAS
REGTEDSALHGIEELKKVAAGKKRVIVIGISVGLSAPFVAGQMDCCMNNTAVFLPVLVGFNPVSMARNDPIEDWSSTFRQ
VAERMQKMQEKQKAFVLNPAIGPEGLSGSSRMKGGSATKILLETLLLAAHKTVDQGIAASQRCLLEILRTFERAHQVTYS
QSPKIATLMKSVSTSLEKKGHVYLVGWQTLGIIAIMDGVECIHTFGADFRDVRGFLIGDHSDMFNQKAELTNQGPQFTFS
QEDFLTSILPSLTEIDTVVFIFTLDDNLTEVQTIVEQVKEKTNHIQALAHSTVGQTLPIPLKKLFPSIISITWPLLFFEY
EGNFIQKFQRELSTKWVLNTVSTGAHVLLGKILQNHMLDLRISNSKLFWRALAMLQRFSGQSKARCIESLLRAIHFPQPL
SDDIRAAPISCHVQVAHEKEQVIPIALLSLLFRCSITEAQAHLAAAPSVCEAVRSALAGPGQKRTADPLEILEPDVQG
;
_entity_poly.pdbx_strand_id   A,B
#
# COMPACT_ATOMS: atom_id res chain seq x y z
N MET A 13 11.85 -6.93 18.33
CA MET A 13 11.69 -8.17 19.12
C MET A 13 10.62 -9.05 18.46
N PRO A 14 10.70 -10.40 18.63
CA PRO A 14 9.66 -11.29 18.08
C PRO A 14 8.23 -10.88 18.50
N GLY A 15 7.38 -10.60 17.51
CA GLY A 15 6.06 -10.06 17.77
C GLY A 15 5.88 -8.60 17.42
N THR A 16 6.90 -7.77 17.66
CA THR A 16 6.77 -6.33 17.47
C THR A 16 6.24 -5.95 16.08
N LYS A 17 6.72 -6.59 15.02
CA LYS A 17 6.13 -6.34 13.67
C LYS A 17 4.59 -6.48 13.68
N ARG A 18 4.09 -7.48 14.42
CA ARG A 18 2.69 -7.83 14.41
C ARG A 18 1.84 -6.95 15.33
N PHE A 19 2.38 -6.57 16.49
CA PHE A 19 1.56 -5.91 17.52
C PHE A 19 1.91 -4.47 17.79
N GLN A 20 2.80 -3.91 16.98
CA GLN A 20 3.30 -2.52 17.11
C GLN A 20 2.20 -1.47 17.10
N HIS A 21 1.25 -1.63 16.20
CA HIS A 21 0.20 -0.66 16.00
C HIS A 21 -0.80 -0.61 17.15
N VAL A 22 -0.80 -1.64 17.99
CA VAL A 22 -1.85 -1.81 18.97
C VAL A 22 -1.62 -0.75 20.04
N ILE A 23 -2.63 0.03 20.39
CA ILE A 23 -2.43 1.05 21.41
C ILE A 23 -2.33 0.41 22.79
N GLU A 24 -1.39 0.94 23.60
CA GLU A 24 -1.24 0.45 24.98
C GLU A 24 -2.52 0.64 25.75
N THR A 25 -2.70 -0.24 26.73
CA THR A 25 -3.77 -0.09 27.69
C THR A 25 -3.52 1.19 28.44
N PRO A 26 -4.56 1.99 28.67
CA PRO A 26 -4.31 3.17 29.51
C PRO A 26 -4.30 2.82 30.99
N GLU A 27 -3.75 3.70 31.82
CA GLU A 27 -3.89 3.58 33.27
C GLU A 27 -5.36 3.69 33.70
N PRO A 28 -5.71 3.11 34.86
CA PRO A 28 -7.11 3.24 35.28
C PRO A 28 -7.53 4.70 35.25
N GLY A 29 -8.74 4.97 34.79
CA GLY A 29 -9.29 6.32 34.86
C GLY A 29 -8.81 7.29 33.80
N LYS A 30 -7.74 6.98 33.05
CA LYS A 30 -7.25 7.87 31.94
C LYS A 30 -7.60 7.31 30.50
N TRP A 31 -8.63 6.46 30.41
CA TRP A 31 -9.04 5.89 29.12
C TRP A 31 -9.39 6.97 28.09
N GLU A 32 -10.03 8.05 28.53
CA GLU A 32 -10.32 9.24 27.70
C GLU A 32 -9.06 10.08 27.42
N LEU A 33 -8.37 10.47 28.49
CA LEU A 33 -7.26 11.43 28.41
C LEU A 33 -5.98 10.87 27.79
N SER A 34 -5.84 9.56 27.77
CA SER A 34 -4.77 8.96 27.03
C SER A 34 -4.96 9.14 25.51
N GLY A 35 -6.09 9.72 25.10
CA GLY A 35 -6.51 9.74 23.71
C GLY A 35 -6.91 8.35 23.16
N TYR A 36 -7.15 7.39 24.07
CA TYR A 36 -7.38 6.03 23.64
C TYR A 36 -8.77 5.97 22.99
N GLU A 37 -9.79 6.38 23.75
CA GLU A 37 -11.15 6.33 23.25
C GLU A 37 -11.36 7.03 21.93
N ALA A 38 -10.75 8.19 21.73
CA ALA A 38 -10.95 8.94 20.46
C ALA A 38 -10.37 8.23 19.23
N ALA A 39 -9.60 7.17 19.46
CA ALA A 39 -9.01 6.39 18.38
C ALA A 39 -9.71 5.02 18.13
N VAL A 40 -10.65 4.63 18.98
CA VAL A 40 -11.44 3.46 18.73
C VAL A 40 -12.42 3.79 17.61
N PRO A 41 -12.34 3.05 16.51
CA PRO A 41 -13.28 3.34 15.42
C PRO A 41 -14.74 3.36 15.90
N ILE A 42 -15.57 4.24 15.35
CA ILE A 42 -16.98 4.36 15.88
C ILE A 42 -17.61 2.98 15.86
N THR A 43 -17.32 2.18 14.82
CA THR A 43 -17.92 0.88 14.63
C THR A 43 -17.56 -0.11 15.70
N GLU A 44 -16.41 0.06 16.33
CA GLU A 44 -16.01 -0.79 17.45
C GLU A 44 -16.37 -0.24 18.82
N LYS A 45 -16.84 1.00 18.87
CA LYS A 45 -17.08 1.64 20.16
C LYS A 45 -18.14 0.92 21.00
N SER A 46 -17.97 1.01 22.30
CA SER A 46 -19.03 0.67 23.24
C SER A 46 -20.07 1.79 23.23
N ASN A 47 -21.33 1.46 22.97
CA ASN A 47 -22.40 2.48 22.98
C ASN A 47 -22.82 2.79 24.41
N PRO A 48 -22.63 4.06 24.88
CA PRO A 48 -23.06 4.49 26.26
C PRO A 48 -24.56 4.18 26.62
N LEU A 49 -25.45 4.29 25.64
CA LEU A 49 -26.83 3.87 25.85
C LEU A 49 -26.98 2.39 26.29
N THR A 50 -25.98 1.56 26.00
CA THR A 50 -26.11 0.15 26.26
C THR A 50 -25.11 -0.36 27.25
N GLN A 51 -24.62 0.48 28.16
CA GLN A 51 -23.56 0.04 29.13
C GLN A 51 -24.12 -0.99 30.07
N ASP A 52 -25.41 -0.89 30.38
CA ASP A 52 -26.05 -1.85 31.30
C ASP A 52 -26.97 -2.83 30.57
N LEU A 53 -26.71 -3.10 29.29
CA LEU A 53 -27.62 -3.94 28.53
C LEU A 53 -27.82 -5.34 29.13
N ASP A 54 -26.79 -5.83 29.82
CA ASP A 54 -26.81 -7.20 30.32
C ASP A 54 -27.82 -7.31 31.48
N LYS A 55 -28.17 -6.16 32.08
CA LYS A 55 -29.18 -6.06 33.14
C LYS A 55 -30.57 -5.60 32.66
N ALA A 56 -30.65 -4.90 31.56
CA ALA A 56 -31.94 -4.49 31.05
C ALA A 56 -32.88 -5.69 30.93
N ASP A 57 -34.18 -5.46 31.20
CA ASP A 57 -35.24 -6.44 30.89
C ASP A 57 -35.66 -6.39 29.39
N ALA A 58 -36.60 -7.22 28.98
CA ALA A 58 -36.88 -7.34 27.56
C ALA A 58 -37.39 -6.04 26.95
N GLU A 59 -38.16 -5.28 27.73
CA GLU A 59 -38.81 -4.05 27.24
C GLU A 59 -37.79 -2.90 27.12
N ASN A 60 -36.98 -2.73 28.16
CA ASN A 60 -35.74 -1.95 28.12
C ASN A 60 -34.84 -2.24 26.88
N ILE A 61 -34.56 -3.52 26.64
CA ILE A 61 -33.66 -3.89 25.58
C ILE A 61 -34.21 -3.33 24.29
N VAL A 62 -35.50 -3.59 24.04
CA VAL A 62 -36.21 -3.10 22.83
C VAL A 62 -36.19 -1.56 22.74
N ARG A 63 -36.22 -0.92 23.88
CA ARG A 63 -36.13 0.50 23.89
C ARG A 63 -34.69 0.89 23.54
N LEU A 64 -33.71 0.33 24.24
CA LEU A 64 -32.33 0.69 24.01
C LEU A 64 -31.89 0.41 22.56
N LEU A 65 -32.21 -0.75 22.01
CA LEU A 65 -31.87 -1.01 20.60
C LEU A 65 -32.65 -0.10 19.64
N GLY A 66 -33.91 0.19 19.99
CA GLY A 66 -34.72 1.16 19.26
C GLY A 66 -34.04 2.51 19.19
N GLN A 67 -33.43 2.88 20.30
CA GLN A 67 -32.75 4.13 20.43
C GLN A 67 -31.46 4.10 19.59
N CYS A 68 -30.66 3.05 19.77
CA CYS A 68 -29.48 2.79 18.97
C CYS A 68 -29.77 2.90 17.46
N ASP A 69 -30.82 2.24 16.98
CA ASP A 69 -31.17 2.31 15.56
C ASP A 69 -31.52 3.73 15.12
N ALA A 70 -32.21 4.45 15.99
CA ALA A 70 -32.53 5.85 15.76
C ALA A 70 -31.29 6.71 15.45
N GLU A 71 -30.13 6.38 16.03
CA GLU A 71 -28.97 7.25 15.86
C GLU A 71 -28.55 7.30 14.36
N ILE A 72 -29.08 6.40 13.56
CA ILE A 72 -28.79 6.40 12.12
C ILE A 72 -29.25 7.70 11.49
N PHE A 73 -30.35 8.23 12.00
CA PHE A 73 -31.05 9.39 11.44
C PHE A 73 -30.77 10.70 12.19
N GLN A 74 -30.02 10.60 13.27
CA GLN A 74 -29.64 11.76 14.03
C GLN A 74 -28.72 12.63 13.20
N GLU A 75 -28.89 13.96 13.36
CA GLU A 75 -28.10 14.94 12.63
C GLU A 75 -26.81 15.33 13.31
N GLU A 76 -25.94 15.93 12.51
CA GLU A 76 -24.65 16.44 12.96
C GLU A 76 -24.82 17.61 13.96
N GLY A 77 -24.07 17.56 15.05
CA GLY A 77 -23.94 18.73 15.92
C GLY A 77 -23.11 19.88 15.31
N GLN A 78 -23.02 20.98 16.06
CA GLN A 78 -22.19 22.14 15.71
C GLN A 78 -20.76 21.89 16.14
N SER A 81 -17.82 21.09 15.95
CA SER A 81 -16.66 20.19 15.81
C SER A 81 -17.01 18.68 16.01
N THR A 82 -17.18 17.93 14.90
CA THR A 82 -17.87 16.62 14.95
C THR A 82 -17.91 15.90 13.59
N TYR A 83 -18.28 14.61 13.60
CA TYR A 83 -18.25 13.76 12.37
C TYR A 83 -19.52 13.85 11.43
N GLN A 84 -19.31 14.01 10.11
CA GLN A 84 -20.43 13.95 9.15
C GLN A 84 -21.35 12.72 9.43
N ARG A 85 -22.67 12.99 9.38
CA ARG A 85 -23.72 11.98 9.45
C ARG A 85 -24.61 11.83 8.18
N LEU A 86 -25.64 11.01 8.23
CA LEU A 86 -26.38 10.67 7.02
C LEU A 86 -27.02 11.88 6.42
N TYR A 87 -27.60 12.73 7.27
CA TYR A 87 -28.24 13.97 6.82
C TYR A 87 -27.31 15.18 6.53
N SER A 88 -26.01 15.05 6.76
CA SER A 88 -25.12 16.15 6.47
C SER A 88 -25.03 16.37 4.94
N GLU A 89 -24.73 17.61 4.58
CA GLU A 89 -24.68 18.08 3.20
C GLU A 89 -23.58 17.42 2.36
N SER A 90 -22.49 17.09 3.01
CA SER A 90 -21.35 16.53 2.29
C SER A 90 -21.73 15.12 1.87
N ILE A 91 -22.39 14.40 2.78
CA ILE A 91 -22.84 13.05 2.47
C ILE A 91 -23.94 13.07 1.42
N LEU A 92 -24.99 13.89 1.56
CA LEU A 92 -26.09 13.93 0.58
C LEU A 92 -25.59 14.35 -0.75
N THR A 93 -24.72 15.36 -0.75
CA THR A 93 -24.00 15.79 -1.97
C THR A 93 -23.23 14.65 -2.61
N THR A 94 -22.59 13.82 -1.81
CA THR A 94 -21.93 12.63 -2.35
C THR A 94 -22.94 11.63 -2.92
N MET A 95 -24.01 11.37 -2.18
CA MET A 95 -25.04 10.49 -2.70
C MET A 95 -25.54 11.00 -4.07
N VAL A 96 -25.72 12.31 -4.22
CA VAL A 96 -26.24 12.88 -5.48
C VAL A 96 -25.29 12.56 -6.61
N GLN A 97 -24.04 12.99 -6.49
CA GLN A 97 -22.98 12.67 -7.45
C GLN A 97 -22.93 11.19 -7.88
N VAL A 98 -23.09 10.29 -6.92
CA VAL A 98 -22.98 8.86 -7.18
C VAL A 98 -24.20 8.42 -8.00
N ALA A 99 -25.39 8.75 -7.55
CA ALA A 99 -26.58 8.56 -8.37
C ALA A 99 -26.31 9.07 -9.80
N GLY A 100 -25.66 10.21 -9.87
CA GLY A 100 -25.21 10.76 -11.14
C GLY A 100 -24.43 9.75 -11.96
N LYS A 101 -23.48 9.06 -11.33
CA LYS A 101 -22.61 8.12 -12.08
C LYS A 101 -23.33 6.85 -12.46
N VAL A 102 -24.31 6.44 -11.65
CA VAL A 102 -25.16 5.29 -11.98
C VAL A 102 -26.00 5.64 -13.19
N GLN A 103 -26.51 6.87 -13.25
CA GLN A 103 -27.18 7.31 -14.47
C GLN A 103 -26.31 7.12 -15.73
N GLU A 104 -25.06 7.58 -15.75
CA GLU A 104 -24.24 7.40 -16.98
C GLU A 104 -24.32 5.97 -17.56
N VAL A 105 -24.30 5.00 -16.66
CA VAL A 105 -24.30 3.56 -16.97
C VAL A 105 -25.67 3.04 -17.34
N LEU A 106 -26.70 3.52 -16.64
CA LEU A 106 -28.09 3.26 -17.03
C LEU A 106 -28.46 3.73 -18.45
N LYS A 107 -27.80 4.77 -18.94
CA LYS A 107 -28.05 5.23 -20.32
C LYS A 107 -27.30 4.38 -21.31
N GLU A 108 -26.32 3.62 -20.85
CA GLU A 108 -25.42 2.91 -21.73
C GLU A 108 -25.20 1.47 -21.21
N PRO A 109 -26.26 0.66 -21.15
CA PRO A 109 -26.17 -0.72 -20.62
C PRO A 109 -25.27 -1.69 -21.40
N ASP A 110 -25.07 -1.42 -22.70
CA ASP A 110 -24.16 -2.23 -23.51
C ASP A 110 -22.73 -1.95 -23.06
N GLY A 111 -22.25 -2.83 -22.19
CA GLY A 111 -20.90 -2.74 -21.68
C GLY A 111 -20.83 -2.37 -20.21
N GLY A 112 -21.99 -2.21 -19.59
CA GLY A 112 -22.10 -1.64 -18.27
C GLY A 112 -22.35 -2.69 -17.24
N LEU A 113 -21.87 -2.44 -16.01
CA LEU A 113 -22.15 -3.32 -14.87
C LEU A 113 -22.15 -2.51 -13.56
N VAL A 114 -22.90 -2.96 -12.57
CA VAL A 114 -22.87 -2.33 -11.24
C VAL A 114 -22.70 -3.40 -10.18
N VAL A 115 -21.56 -3.40 -9.47
CA VAL A 115 -21.26 -4.42 -8.49
C VAL A 115 -21.39 -3.92 -7.08
N LEU A 116 -22.10 -4.67 -6.26
CA LEU A 116 -22.21 -4.41 -4.85
C LEU A 116 -21.52 -5.54 -4.06
N SER A 117 -20.53 -5.21 -3.23
CA SER A 117 -19.63 -6.24 -2.69
C SER A 117 -19.31 -6.03 -1.24
N GLY A 118 -19.18 -7.08 -0.47
CA GLY A 118 -18.89 -6.91 0.95
C GLY A 118 -18.67 -8.28 1.53
N GLY A 119 -18.13 -8.34 2.74
CA GLY A 119 -17.98 -9.61 3.45
C GLY A 119 -19.14 -9.72 4.39
N GLY A 120 -19.54 -10.93 4.76
CA GLY A 120 -20.49 -11.09 5.88
C GLY A 120 -21.80 -10.38 5.57
N THR A 121 -22.35 -9.70 6.58
CA THR A 121 -23.58 -8.99 6.42
C THR A 121 -23.54 -7.92 5.38
N SER A 122 -22.40 -7.31 5.13
CA SER A 122 -22.35 -6.34 4.04
C SER A 122 -22.59 -7.09 2.75
N GLY A 123 -22.14 -8.35 2.70
CA GLY A 123 -22.32 -9.16 1.49
C GLY A 123 -23.78 -9.63 1.35
N ARG A 124 -24.41 -9.99 2.45
CA ARG A 124 -25.82 -10.26 2.44
C ARG A 124 -26.63 -9.06 1.91
N MET A 125 -26.35 -7.87 2.43
CA MET A 125 -27.16 -6.73 2.00
C MET A 125 -26.93 -6.49 0.53
N ALA A 126 -25.70 -6.73 0.09
CA ALA A 126 -25.33 -6.49 -1.29
C ALA A 126 -26.20 -7.30 -2.28
N PHE A 127 -26.51 -8.51 -1.83
CA PHE A 127 -27.18 -9.52 -2.61
C PHE A 127 -28.66 -9.10 -2.77
N LEU A 128 -29.33 -8.90 -1.63
CA LEU A 128 -30.69 -8.34 -1.62
C LEU A 128 -30.88 -7.18 -2.58
N MET A 129 -30.02 -6.18 -2.45
CA MET A 129 -30.14 -4.99 -3.29
C MET A 129 -29.88 -5.30 -4.75
N SER A 130 -28.87 -6.11 -5.07
CA SER A 130 -28.62 -6.49 -6.46
C SER A 130 -29.87 -7.10 -7.08
N VAL A 131 -30.59 -7.91 -6.29
CA VAL A 131 -31.82 -8.55 -6.75
C VAL A 131 -32.92 -7.51 -7.02
N SER A 132 -33.27 -6.76 -5.97
CA SER A 132 -34.27 -5.71 -6.08
C SER A 132 -34.07 -4.84 -7.32
N PHE A 133 -32.90 -4.26 -7.52
CA PHE A 133 -32.72 -3.35 -8.66
C PHE A 133 -32.63 -4.09 -9.99
N ASN A 134 -32.39 -5.41 -9.92
CA ASN A 134 -32.48 -6.27 -11.11
C ASN A 134 -33.94 -6.47 -11.50
N GLN A 135 -34.80 -6.67 -10.50
CA GLN A 135 -36.23 -6.73 -10.73
C GLN A 135 -36.70 -5.44 -11.41
N LEU A 136 -36.46 -4.32 -10.73
CA LEU A 136 -36.86 -3.02 -11.24
C LEU A 136 -36.60 -2.78 -12.74
N MET A 137 -35.44 -3.22 -13.23
CA MET A 137 -35.10 -3.01 -14.63
C MET A 137 -35.75 -4.08 -15.50
N LYS A 138 -35.97 -5.27 -14.94
CA LYS A 138 -36.76 -6.32 -15.58
C LYS A 138 -38.26 -5.93 -15.68
N GLY A 139 -38.90 -5.62 -14.55
CA GLY A 139 -40.25 -5.09 -14.58
C GLY A 139 -40.45 -3.94 -15.57
N LEU A 140 -39.36 -3.37 -16.11
CA LEU A 140 -39.34 -2.42 -17.22
C LEU A 140 -38.74 -2.99 -18.54
N GLY A 141 -38.39 -4.28 -18.56
CA GLY A 141 -37.77 -4.91 -19.74
C GLY A 141 -36.45 -4.31 -20.20
N GLN A 142 -35.64 -3.88 -19.22
CA GLN A 142 -34.21 -3.63 -19.43
C GLN A 142 -33.42 -4.84 -18.92
N LYS A 143 -32.29 -5.07 -19.56
CA LYS A 143 -31.35 -6.08 -19.07
C LYS A 143 -30.91 -5.69 -17.67
N PRO A 144 -30.83 -6.67 -16.75
CA PRO A 144 -30.32 -6.37 -15.41
C PRO A 144 -28.82 -5.98 -15.44
N LEU A 145 -28.45 -4.92 -14.73
CA LEU A 145 -27.03 -4.47 -14.69
C LEU A 145 -26.34 -4.69 -13.35
N TYR A 146 -27.10 -5.18 -12.39
CA TYR A 146 -26.62 -5.28 -11.04
C TYR A 146 -26.14 -6.67 -10.80
N THR A 147 -25.08 -6.76 -10.02
CA THR A 147 -24.69 -8.02 -9.46
C THR A 147 -24.04 -7.82 -8.08
N TYR A 148 -23.84 -8.92 -7.37
CA TYR A 148 -23.26 -8.86 -6.03
C TYR A 148 -21.94 -9.63 -5.98
N LEU A 149 -21.16 -9.40 -4.93
CA LEU A 149 -20.02 -10.25 -4.60
C LEU A 149 -20.04 -10.41 -3.11
N ILE A 150 -19.80 -11.62 -2.65
CA ILE A 150 -19.68 -11.83 -1.24
C ILE A 150 -18.43 -12.67 -0.93
N ALA A 151 -17.69 -12.22 0.07
CA ALA A 151 -16.58 -12.97 0.60
C ALA A 151 -17.04 -14.40 0.77
N GLY A 152 -16.38 -15.25 -0.03
CA GLY A 152 -16.47 -16.70 0.02
C GLY A 152 -17.38 -17.29 -1.05
N GLY A 153 -17.59 -16.59 -2.16
CA GLY A 153 -18.61 -16.91 -3.16
C GLY A 153 -20.07 -17.03 -2.66
N ASP A 154 -20.97 -17.38 -3.59
CA ASP A 154 -22.42 -17.30 -3.38
C ASP A 154 -22.92 -18.07 -2.18
N ARG A 155 -22.31 -19.22 -1.88
CA ARG A 155 -22.72 -19.94 -0.69
C ARG A 155 -22.63 -19.09 0.58
N SER A 156 -21.80 -18.04 0.58
CA SER A 156 -21.61 -17.22 1.80
C SER A 156 -22.91 -16.48 2.24
N VAL A 157 -23.80 -16.22 1.26
CA VAL A 157 -25.04 -15.45 1.45
C VAL A 157 -25.87 -15.91 2.62
N VAL A 158 -25.94 -17.21 2.81
CA VAL A 158 -26.79 -17.86 3.83
C VAL A 158 -25.96 -18.72 4.81
N ALA A 159 -24.63 -18.71 4.69
CA ALA A 159 -23.80 -19.42 5.67
C ALA A 159 -23.19 -18.45 6.65
N SER A 160 -22.80 -18.96 7.83
CA SER A 160 -21.78 -18.30 8.67
C SER A 160 -20.42 -18.66 8.14
N ARG A 161 -19.68 -17.69 7.61
CA ARG A 161 -18.35 -17.94 7.05
C ARG A 161 -17.41 -16.76 7.25
N GLU A 162 -17.15 -16.45 8.52
CA GLU A 162 -16.45 -15.24 8.91
C GLU A 162 -14.99 -15.16 8.45
N GLY A 163 -14.41 -16.31 8.05
CA GLY A 163 -13.02 -16.43 7.67
C GLY A 163 -12.68 -15.90 6.31
N THR A 164 -13.67 -15.79 5.44
CA THR A 164 -13.41 -15.57 4.04
C THR A 164 -13.11 -14.12 3.61
N GLU A 165 -13.30 -13.18 4.52
CA GLU A 165 -13.03 -11.73 4.26
C GLU A 165 -11.57 -11.21 4.35
N ASP A 166 -10.63 -12.10 4.67
CA ASP A 166 -9.24 -11.70 5.02
C ASP A 166 -8.30 -11.67 3.85
N SER A 167 -8.75 -11.92 2.65
CA SER A 167 -7.84 -11.96 1.50
C SER A 167 -8.27 -10.93 0.50
N ALA A 168 -7.38 -9.99 0.24
CA ALA A 168 -7.56 -9.05 -0.86
C ALA A 168 -7.51 -9.75 -2.20
N LEU A 169 -6.60 -10.71 -2.37
CA LEU A 169 -6.43 -11.38 -3.67
C LEU A 169 -7.70 -12.10 -4.01
N HIS A 170 -8.35 -12.67 -3.01
CA HIS A 170 -9.66 -13.25 -3.26
C HIS A 170 -10.60 -12.19 -3.84
N GLY A 171 -10.76 -11.07 -3.15
CA GLY A 171 -11.73 -10.06 -3.55
C GLY A 171 -11.50 -9.60 -4.96
N ILE A 172 -10.24 -9.47 -5.35
CA ILE A 172 -9.88 -8.98 -6.67
C ILE A 172 -10.27 -10.02 -7.72
N GLU A 173 -10.07 -11.31 -7.42
CA GLU A 173 -10.43 -12.39 -8.35
C GLU A 173 -11.91 -12.37 -8.66
N GLU A 174 -12.73 -12.41 -7.61
CA GLU A 174 -14.19 -12.34 -7.70
C GLU A 174 -14.65 -11.12 -8.52
N LEU A 175 -13.95 -10.00 -8.34
CA LEU A 175 -14.20 -8.82 -9.13
C LEU A 175 -13.77 -9.02 -10.60
N LYS A 176 -12.60 -9.63 -10.84
CA LYS A 176 -12.16 -9.93 -12.24
C LYS A 176 -13.13 -10.84 -12.99
N LYS A 177 -13.81 -11.73 -12.28
CA LYS A 177 -14.68 -12.72 -12.91
C LYS A 177 -15.88 -12.01 -13.53
N VAL A 178 -16.60 -11.36 -12.64
CA VAL A 178 -17.85 -10.69 -12.91
C VAL A 178 -17.66 -9.51 -13.85
N ALA A 179 -16.50 -8.87 -13.85
CA ALA A 179 -16.22 -7.73 -14.75
C ALA A 179 -15.66 -8.14 -16.10
N ALA A 180 -15.70 -9.46 -16.37
CA ALA A 180 -15.73 -10.07 -17.73
C ALA A 180 -14.97 -9.25 -18.75
N GLY A 181 -15.64 -8.72 -19.78
CA GLY A 181 -15.05 -7.72 -20.67
C GLY A 181 -16.05 -6.58 -20.81
N LYS A 182 -16.61 -6.21 -19.67
CA LYS A 182 -17.49 -5.06 -19.56
C LYS A 182 -16.62 -3.81 -19.76
N LYS A 183 -17.23 -2.71 -20.17
CA LYS A 183 -16.46 -1.50 -20.51
C LYS A 183 -16.54 -0.41 -19.44
N ARG A 184 -17.53 -0.54 -18.55
CA ARG A 184 -17.80 0.44 -17.49
C ARG A 184 -18.39 -0.30 -16.28
N VAL A 185 -17.58 -0.42 -15.22
CA VAL A 185 -18.02 -1.09 -14.02
C VAL A 185 -18.08 -0.15 -12.82
N ILE A 186 -19.21 -0.17 -12.11
CA ILE A 186 -19.31 0.60 -10.91
C ILE A 186 -19.24 -0.37 -9.75
N VAL A 187 -18.20 -0.18 -8.90
CA VAL A 187 -17.97 -1.12 -7.80
C VAL A 187 -18.24 -0.47 -6.45
N ILE A 188 -19.38 -0.82 -5.89
CA ILE A 188 -19.74 -0.38 -4.56
C ILE A 188 -19.27 -1.37 -3.48
N GLY A 189 -18.13 -1.05 -2.87
CA GLY A 189 -17.52 -1.85 -1.84
C GLY A 189 -18.05 -1.51 -0.49
N ILE A 190 -18.66 -2.45 0.17
CA ILE A 190 -19.29 -2.19 1.42
C ILE A 190 -18.50 -2.82 2.53
N SER A 191 -18.03 -1.99 3.45
CA SER A 191 -17.42 -2.47 4.68
C SER A 191 -17.78 -1.49 5.80
N VAL A 192 -18.66 -1.93 6.67
CA VAL A 192 -19.20 -1.08 7.65
C VAL A 192 -18.07 -0.43 8.41
N GLY A 193 -17.04 -1.21 8.70
CA GLY A 193 -15.93 -0.75 9.51
C GLY A 193 -14.83 -0.18 8.67
N LEU A 194 -15.01 -0.06 7.36
CA LEU A 194 -13.87 0.29 6.47
C LEU A 194 -12.70 -0.65 6.85
N SER A 195 -12.99 -1.93 6.82
CA SER A 195 -12.12 -2.94 7.42
C SER A 195 -11.76 -4.16 6.55
N ALA A 196 -12.69 -4.66 5.73
CA ALA A 196 -12.58 -6.01 5.17
C ALA A 196 -11.58 -6.04 4.04
N PRO A 197 -10.49 -6.84 4.17
CA PRO A 197 -9.50 -6.89 3.14
C PRO A 197 -10.03 -7.24 1.77
N PHE A 198 -11.00 -8.16 1.72
CA PHE A 198 -11.87 -8.40 0.56
C PHE A 198 -12.26 -7.14 -0.18
N VAL A 199 -12.75 -6.11 0.49
CA VAL A 199 -13.14 -4.91 -0.21
C VAL A 199 -11.89 -4.15 -0.60
N ALA A 200 -10.94 -4.08 0.32
CA ALA A 200 -9.75 -3.23 0.09
C ALA A 200 -9.13 -3.54 -1.27
N GLY A 201 -8.93 -4.82 -1.53
CA GLY A 201 -8.39 -5.21 -2.83
C GLY A 201 -9.20 -4.72 -4.02
N GLN A 202 -10.51 -4.86 -3.93
CA GLN A 202 -11.42 -4.42 -4.99
C GLN A 202 -11.24 -2.92 -5.24
N MET A 203 -11.28 -2.13 -4.18
CA MET A 203 -11.17 -0.68 -4.37
C MET A 203 -9.83 -0.32 -5.00
N ASP A 204 -8.78 -1.02 -4.59
CA ASP A 204 -7.41 -0.64 -4.98
C ASP A 204 -7.24 -0.98 -6.45
N CYS A 205 -7.71 -2.15 -6.84
CA CYS A 205 -7.78 -2.59 -8.23
C CYS A 205 -8.46 -1.53 -9.10
N CYS A 206 -9.68 -1.14 -8.71
CA CYS A 206 -10.42 -0.13 -9.46
C CYS A 206 -9.60 1.09 -9.65
N MET A 207 -8.94 1.57 -8.61
CA MET A 207 -8.17 2.81 -8.78
C MET A 207 -7.03 2.63 -9.78
N ASN A 208 -6.54 1.40 -9.92
CA ASN A 208 -5.46 1.16 -10.88
C ASN A 208 -5.96 0.99 -12.31
N ASN A 209 -7.29 1.05 -12.52
CA ASN A 209 -7.88 1.02 -13.86
C ASN A 209 -9.18 1.88 -13.96
N THR A 210 -8.97 3.17 -13.79
CA THR A 210 -9.98 4.20 -13.80
C THR A 210 -10.79 4.27 -15.11
N ALA A 211 -10.16 3.86 -16.23
CA ALA A 211 -10.79 3.90 -17.57
C ALA A 211 -11.99 2.98 -17.66
N VAL A 212 -11.97 1.90 -16.88
CA VAL A 212 -13.11 0.98 -16.80
C VAL A 212 -13.84 1.13 -15.49
N PHE A 213 -13.12 1.15 -14.36
CA PHE A 213 -13.74 1.03 -13.05
C PHE A 213 -14.03 2.33 -12.35
N LEU A 214 -15.16 2.38 -11.68
CA LEU A 214 -15.45 3.42 -10.73
C LEU A 214 -15.80 2.82 -9.35
N PRO A 215 -14.86 2.96 -8.40
CA PRO A 215 -15.08 2.48 -7.05
C PRO A 215 -15.79 3.47 -6.14
N VAL A 216 -16.79 2.96 -5.43
CA VAL A 216 -17.48 3.71 -4.43
C VAL A 216 -17.41 2.94 -3.13
N LEU A 217 -16.74 3.52 -2.13
CA LEU A 217 -16.56 2.85 -0.86
C LEU A 217 -17.66 3.25 0.11
N VAL A 218 -18.28 2.27 0.75
CA VAL A 218 -19.33 2.52 1.70
C VAL A 218 -19.07 1.88 3.04
N GLY A 219 -19.25 2.65 4.09
CA GLY A 219 -18.95 2.23 5.46
C GLY A 219 -19.28 3.39 6.37
N PHE A 220 -18.98 3.25 7.64
CA PHE A 220 -19.55 4.12 8.65
C PHE A 220 -18.53 4.60 9.72
N ASN A 221 -17.25 4.64 9.34
CA ASN A 221 -16.26 5.33 10.12
C ASN A 221 -15.65 6.40 9.26
N PRO A 222 -15.19 7.49 9.89
CA PRO A 222 -14.40 8.45 9.13
C PRO A 222 -13.18 7.77 8.57
N VAL A 223 -12.67 8.31 7.48
CA VAL A 223 -11.53 7.70 6.86
C VAL A 223 -10.34 7.66 7.79
N SER A 224 -10.22 8.61 8.70
CA SER A 224 -9.13 8.59 9.68
C SER A 224 -9.27 7.50 10.73
N MET A 225 -10.41 6.81 10.80
CA MET A 225 -10.55 5.61 11.64
C MET A 225 -10.60 4.34 10.83
N ALA A 226 -10.25 4.41 9.56
CA ALA A 226 -10.31 3.24 8.70
C ALA A 226 -9.24 2.29 9.15
N ARG A 227 -9.51 1.00 9.00
CA ARG A 227 -8.58 -0.05 9.46
C ARG A 227 -7.19 0.17 8.84
N ASN A 228 -6.15 -0.06 9.65
CA ASN A 228 -4.77 0.29 9.26
C ASN A 228 -3.70 -0.72 9.59
N ASP A 229 -4.06 -1.93 10.00
CA ASP A 229 -3.05 -2.98 10.14
C ASP A 229 -2.77 -3.69 8.80
N PRO A 230 -1.61 -4.35 8.69
CA PRO A 230 -1.28 -4.95 7.41
C PRO A 230 -2.19 -6.11 7.01
N ILE A 231 -2.58 -6.13 5.74
CA ILE A 231 -3.30 -7.23 5.16
C ILE A 231 -2.22 -8.19 4.72
N GLU A 232 -2.47 -9.48 4.97
CA GLU A 232 -1.47 -10.51 4.71
C GLU A 232 -1.04 -10.63 3.27
N ASP A 233 -2.01 -10.63 2.36
CA ASP A 233 -1.73 -10.78 0.92
C ASP A 233 -1.79 -9.45 0.13
N TRP A 234 -1.52 -8.33 0.78
CA TRP A 234 -1.67 -7.03 0.11
C TRP A 234 -0.79 -6.00 0.83
N SER A 235 -0.18 -5.10 0.06
CA SER A 235 0.81 -4.17 0.61
C SER A 235 0.25 -2.88 1.27
N SER A 236 -0.90 -2.41 0.77
CA SER A 236 -1.54 -1.19 1.27
C SER A 236 -2.55 -1.55 2.32
N THR A 237 -2.91 -0.61 3.20
CA THR A 237 -3.95 -0.87 4.22
C THR A 237 -5.29 -0.30 3.76
N PHE A 238 -6.36 -0.60 4.48
CA PHE A 238 -7.69 -0.09 4.08
C PHE A 238 -7.67 1.44 4.11
N ARG A 239 -7.13 1.97 5.18
CA ARG A 239 -6.90 3.43 5.30
C ARG A 239 -6.19 4.11 4.16
N GLN A 240 -5.16 3.51 3.57
CA GLN A 240 -4.43 4.23 2.52
C GLN A 240 -5.29 4.25 1.29
N VAL A 241 -5.91 3.09 1.08
CA VAL A 241 -6.83 2.89 0.00
C VAL A 241 -7.92 3.92 0.11
N ALA A 242 -8.56 3.99 1.26
CA ALA A 242 -9.63 4.97 1.40
C ALA A 242 -9.15 6.40 1.29
N GLU A 243 -7.98 6.73 1.84
CA GLU A 243 -7.52 8.13 1.78
C GLU A 243 -7.30 8.54 0.32
N ARG A 244 -6.89 7.56 -0.49
CA ARG A 244 -6.49 7.82 -1.87
C ARG A 244 -7.71 7.99 -2.74
N MET A 245 -8.76 7.23 -2.40
CA MET A 245 -10.07 7.35 -3.02
C MET A 245 -10.64 8.75 -2.76
N GLN A 246 -10.55 9.18 -1.52
CA GLN A 246 -11.02 10.50 -1.13
C GLN A 246 -10.34 11.61 -1.96
N LYS A 247 -9.03 11.50 -2.18
CA LYS A 247 -8.33 12.44 -3.06
C LYS A 247 -8.84 12.37 -4.50
N MET A 248 -9.20 11.18 -4.98
CA MET A 248 -9.77 11.04 -6.33
C MET A 248 -11.19 11.60 -6.43
N GLN A 249 -11.85 11.84 -5.29
CA GLN A 249 -13.21 12.30 -5.31
C GLN A 249 -13.27 13.72 -5.88
N GLU A 250 -12.32 14.59 -5.48
CA GLU A 250 -12.12 15.93 -6.11
C GLU A 250 -12.15 15.95 -7.66
N LYS A 251 -11.76 14.86 -8.33
CA LYS A 251 -11.83 14.73 -9.81
C LYS A 251 -12.99 13.78 -10.20
N GLN A 252 -13.83 13.37 -9.24
CA GLN A 252 -15.02 12.51 -9.53
C GLN A 252 -14.75 11.11 -10.09
N LYS A 253 -13.60 10.54 -9.77
CA LYS A 253 -13.28 9.20 -10.25
C LYS A 253 -13.27 8.15 -9.12
N ALA A 254 -13.47 8.56 -7.87
CA ALA A 254 -13.80 7.66 -6.77
C ALA A 254 -14.68 8.38 -5.82
N PHE A 255 -15.36 7.61 -4.96
CA PHE A 255 -16.22 8.18 -3.95
C PHE A 255 -16.16 7.44 -2.62
N VAL A 256 -16.28 8.20 -1.51
CA VAL A 256 -16.39 7.61 -0.20
C VAL A 256 -17.68 8.10 0.46
N LEU A 257 -18.58 7.17 0.75
CA LEU A 257 -19.81 7.43 1.43
C LEU A 257 -19.75 6.89 2.84
N ASN A 258 -19.42 7.74 3.80
CA ASN A 258 -19.14 7.23 5.12
C ASN A 258 -19.71 8.03 6.28
N PRO A 259 -21.05 8.09 6.41
CA PRO A 259 -21.69 8.81 7.52
C PRO A 259 -21.45 8.09 8.81
N ALA A 260 -21.27 8.80 9.92
CA ALA A 260 -21.27 8.15 11.23
C ALA A 260 -22.70 7.92 11.56
N ILE A 261 -22.97 6.77 12.17
CA ILE A 261 -24.31 6.44 12.59
C ILE A 261 -24.31 6.03 14.04
N GLY A 262 -23.18 6.21 14.69
CA GLY A 262 -23.02 5.83 16.08
C GLY A 262 -22.80 4.35 16.29
N PRO A 263 -22.27 3.96 17.45
CA PRO A 263 -21.89 2.59 17.72
C PRO A 263 -23.06 1.64 17.77
N GLU A 264 -22.75 0.34 17.59
CA GLU A 264 -23.76 -0.71 17.70
C GLU A 264 -24.15 -0.88 19.17
N GLY A 265 -25.41 -1.24 19.39
CA GLY A 265 -25.87 -1.47 20.74
C GLY A 265 -25.14 -2.63 21.41
N LEU A 266 -24.76 -3.60 20.57
CA LEU A 266 -23.81 -4.69 20.91
C LEU A 266 -22.48 -4.38 20.20
N SER A 267 -21.47 -4.02 20.98
CA SER A 267 -20.23 -3.45 20.48
C SER A 267 -19.69 -4.29 19.36
N GLY A 268 -19.50 -3.66 18.19
CA GLY A 268 -18.88 -4.30 17.07
C GLY A 268 -19.76 -5.26 16.32
N SER A 269 -21.05 -5.21 16.60
CA SER A 269 -22.01 -6.08 15.91
C SER A 269 -22.59 -5.34 14.73
N SER A 270 -21.77 -5.07 13.72
CA SER A 270 -22.20 -4.33 12.56
C SER A 270 -23.26 -5.02 11.68
N ARG A 271 -23.69 -6.22 12.06
CA ARG A 271 -24.82 -6.79 11.33
C ARG A 271 -26.08 -5.93 11.52
N MET A 272 -26.12 -5.20 12.63
CA MET A 272 -27.27 -4.44 13.07
C MET A 272 -27.32 -3.08 12.43
N LYS A 273 -27.07 -2.00 13.19
CA LYS A 273 -27.13 -0.68 12.57
C LYS A 273 -26.35 -0.64 11.24
N GLY A 274 -25.18 -1.29 11.17
CA GLY A 274 -24.38 -1.24 9.96
C GLY A 274 -25.04 -1.77 8.69
N GLY A 275 -25.70 -2.92 8.82
CA GLY A 275 -26.42 -3.48 7.68
C GLY A 275 -27.68 -2.67 7.34
N SER A 276 -28.39 -2.23 8.38
CA SER A 276 -29.51 -1.30 8.18
C SER A 276 -29.08 -0.03 7.46
N ALA A 277 -28.06 0.65 7.99
CA ALA A 277 -27.59 1.86 7.33
C ALA A 277 -27.10 1.56 5.91
N THR A 278 -26.55 0.36 5.71
CA THR A 278 -26.07 0.03 4.39
C THR A 278 -27.29 0.14 3.44
N LYS A 279 -28.43 -0.44 3.80
CA LYS A 279 -29.64 -0.43 2.98
C LYS A 279 -30.22 0.98 2.80
N ILE A 280 -30.41 1.64 3.94
CA ILE A 280 -31.01 2.94 3.97
C ILE A 280 -30.26 3.69 2.93
N LEU A 281 -28.95 3.65 3.06
CA LEU A 281 -28.14 4.50 2.25
C LEU A 281 -28.19 4.11 0.78
N LEU A 282 -28.09 2.82 0.46
CA LEU A 282 -27.97 2.46 -0.97
C LEU A 282 -29.31 2.35 -1.76
N GLU A 283 -30.34 1.89 -1.07
CA GLU A 283 -31.66 1.82 -1.68
C GLU A 283 -32.07 3.25 -2.04
N THR A 284 -32.15 4.13 -1.03
CA THR A 284 -32.26 5.56 -1.28
C THR A 284 -31.56 6.02 -2.56
N LEU A 285 -30.27 5.78 -2.66
CA LEU A 285 -29.47 6.45 -3.70
C LEU A 285 -29.70 5.84 -5.09
N LEU A 286 -29.79 4.53 -5.16
CA LEU A 286 -29.99 3.89 -6.42
C LEU A 286 -31.45 4.13 -6.88
N LEU A 287 -32.42 3.96 -5.97
CA LEU A 287 -33.80 4.23 -6.35
C LEU A 287 -33.93 5.64 -6.96
N ALA A 288 -33.36 6.62 -6.28
CA ALA A 288 -33.28 7.95 -6.84
C ALA A 288 -32.75 7.96 -8.27
N ALA A 289 -31.72 7.17 -8.54
CA ALA A 289 -31.03 7.28 -9.83
C ALA A 289 -31.92 6.73 -10.91
N HIS A 290 -32.49 5.56 -10.64
CA HIS A 290 -33.49 4.98 -11.51
C HIS A 290 -34.68 5.90 -11.73
N LYS A 291 -35.43 6.17 -10.68
CA LYS A 291 -36.69 6.91 -10.85
C LYS A 291 -36.51 8.30 -11.47
N THR A 292 -35.31 8.87 -11.45
CA THR A 292 -35.07 10.15 -12.07
C THR A 292 -34.47 10.06 -13.46
N VAL A 293 -34.03 8.89 -13.94
CA VAL A 293 -33.59 8.83 -15.35
C VAL A 293 -34.73 8.91 -16.33
N ASP A 294 -35.78 8.13 -16.11
CA ASP A 294 -36.91 8.14 -17.07
C ASP A 294 -37.75 9.41 -16.92
N GLN A 295 -37.54 10.18 -15.85
CA GLN A 295 -38.08 11.56 -15.74
C GLN A 295 -37.17 12.59 -16.44
N GLY A 296 -35.99 12.17 -16.90
CA GLY A 296 -35.08 13.07 -17.62
C GLY A 296 -34.61 14.26 -16.79
N ILE A 297 -34.19 13.96 -15.57
CA ILE A 297 -33.91 14.98 -14.54
C ILE A 297 -32.81 14.49 -13.57
N ALA A 298 -31.81 15.32 -13.32
CA ALA A 298 -30.75 14.93 -12.38
C ALA A 298 -31.34 14.58 -11.01
N ALA A 299 -30.71 13.62 -10.33
CA ALA A 299 -31.11 13.32 -8.98
C ALA A 299 -30.64 14.49 -8.15
N SER A 300 -31.49 14.92 -7.23
CA SER A 300 -31.28 16.09 -6.40
C SER A 300 -31.36 15.60 -4.95
N GLN A 301 -30.97 16.44 -3.99
CA GLN A 301 -31.06 16.08 -2.56
C GLN A 301 -32.51 15.90 -2.17
N ARG A 302 -33.39 16.66 -2.81
CA ARG A 302 -34.81 16.58 -2.54
C ARG A 302 -35.36 15.21 -2.94
N CYS A 303 -34.91 14.60 -4.03
CA CYS A 303 -35.47 13.27 -4.29
C CYS A 303 -34.97 12.27 -3.24
N LEU A 304 -33.71 12.42 -2.82
CA LEU A 304 -33.11 11.53 -1.83
C LEU A 304 -33.75 11.68 -0.47
N LEU A 305 -33.94 12.92 -0.07
CA LEU A 305 -34.52 13.21 1.22
C LEU A 305 -35.88 12.59 1.41
N GLU A 306 -36.65 12.57 0.31
CA GLU A 306 -38.00 12.00 0.35
C GLU A 306 -37.83 10.61 0.90
N ILE A 307 -36.97 9.85 0.22
CA ILE A 307 -36.71 8.45 0.60
C ILE A 307 -36.15 8.28 2.03
N LEU A 308 -35.19 9.11 2.41
CA LEU A 308 -34.61 9.01 3.73
C LEU A 308 -35.68 9.21 4.77
N ARG A 309 -36.50 10.23 4.59
CA ARG A 309 -37.58 10.48 5.57
C ARG A 309 -38.59 9.33 5.63
N THR A 310 -38.84 8.73 4.47
CA THR A 310 -39.67 7.55 4.44
C THR A 310 -38.99 6.51 5.32
N PHE A 311 -37.73 6.18 5.01
CA PHE A 311 -36.98 5.19 5.84
C PHE A 311 -36.97 5.59 7.31
N GLU A 312 -36.97 6.89 7.62
CA GLU A 312 -37.00 7.33 9.00
C GLU A 312 -38.39 7.14 9.66
N ARG A 313 -39.46 7.32 8.86
CA ARG A 313 -40.81 7.05 9.36
C ARG A 313 -40.89 5.61 9.77
N ALA A 314 -40.31 4.79 8.90
CA ALA A 314 -40.27 3.36 9.04
C ALA A 314 -39.70 2.87 10.36
N HIS A 315 -38.73 3.60 10.90
CA HIS A 315 -38.23 3.25 12.24
C HIS A 315 -39.26 3.48 13.30
N GLN A 316 -40.02 4.57 13.17
CA GLN A 316 -41.02 4.99 14.16
C GLN A 316 -42.22 4.06 14.09
N VAL A 317 -42.69 3.85 12.87
CA VAL A 317 -43.67 2.83 12.58
C VAL A 317 -43.29 1.50 13.22
N THR A 318 -42.06 1.07 12.97
CA THR A 318 -41.63 -0.26 13.41
C THR A 318 -41.64 -0.34 14.92
N TYR A 319 -41.11 0.65 15.60
CA TYR A 319 -40.78 0.49 17.00
C TYR A 319 -41.92 0.86 17.92
N SER A 320 -42.98 1.44 17.35
CA SER A 320 -44.25 1.66 18.05
C SER A 320 -44.91 0.32 18.41
N GLN A 321 -44.58 -0.76 17.70
CA GLN A 321 -44.95 -2.10 18.11
C GLN A 321 -43.99 -2.69 19.19
N SER A 322 -43.42 -1.85 20.04
CA SER A 322 -42.36 -2.32 20.98
C SER A 322 -42.75 -3.41 22.00
N PRO A 323 -43.81 -3.19 22.81
CA PRO A 323 -44.31 -4.25 23.72
C PRO A 323 -44.46 -5.62 23.03
N LYS A 324 -45.08 -5.65 21.85
CA LYS A 324 -45.29 -6.92 21.13
C LYS A 324 -43.94 -7.50 20.75
N ILE A 325 -43.05 -6.64 20.23
CA ILE A 325 -41.63 -7.03 20.02
C ILE A 325 -41.01 -7.56 21.32
N ALA A 326 -41.17 -6.85 22.43
CA ALA A 326 -40.59 -7.32 23.67
C ALA A 326 -41.07 -8.72 24.06
N THR A 327 -42.31 -9.07 23.69
CA THR A 327 -42.91 -10.37 24.02
C THR A 327 -42.27 -11.48 23.20
N LEU A 328 -42.25 -11.32 21.88
CA LEU A 328 -41.62 -12.29 21.00
C LEU A 328 -40.20 -12.57 21.47
N MET A 329 -39.51 -11.55 21.95
CA MET A 329 -38.19 -11.74 22.52
C MET A 329 -38.28 -12.71 23.71
N LYS A 330 -39.11 -12.34 24.68
CA LYS A 330 -39.35 -13.18 25.88
C LYS A 330 -39.63 -14.65 25.53
N SER A 331 -40.38 -14.90 24.46
CA SER A 331 -40.73 -16.28 24.07
C SER A 331 -39.63 -16.98 23.21
N VAL A 332 -38.73 -16.20 22.60
CA VAL A 332 -37.56 -16.77 21.95
C VAL A 332 -36.50 -17.07 23.01
N SER A 333 -36.43 -16.21 24.02
CA SER A 333 -35.54 -16.41 25.13
C SER A 333 -35.88 -17.72 25.82
N THR A 334 -37.17 -17.91 26.16
CA THR A 334 -37.62 -19.09 26.94
C THR A 334 -37.28 -20.36 26.19
N SER A 335 -37.70 -20.46 24.93
CA SER A 335 -37.46 -21.68 24.15
C SER A 335 -35.97 -22.13 24.10
N LEU A 336 -35.05 -21.16 24.20
CA LEU A 336 -33.63 -21.42 24.19
C LEU A 336 -33.09 -21.61 25.57
N GLU A 337 -33.76 -20.99 26.54
CA GLU A 337 -33.42 -21.13 27.97
C GLU A 337 -33.67 -22.53 28.43
N LYS A 338 -34.73 -23.14 27.92
CA LYS A 338 -34.99 -24.57 28.10
C LYS A 338 -33.92 -25.20 27.22
N LYS A 339 -34.24 -25.98 26.19
CA LYS A 339 -33.22 -26.19 25.17
C LYS A 339 -33.89 -26.45 23.85
N GLY A 340 -34.90 -25.63 23.58
CA GLY A 340 -35.70 -25.72 22.38
C GLY A 340 -35.12 -24.93 21.23
N HIS A 341 -35.89 -24.83 20.16
CA HIS A 341 -35.46 -24.23 18.93
C HIS A 341 -36.50 -23.19 18.49
N VAL A 342 -36.10 -22.36 17.52
CA VAL A 342 -36.88 -21.22 17.07
C VAL A 342 -36.89 -21.13 15.55
N TYR A 343 -38.07 -21.01 15.00
CA TYR A 343 -38.19 -21.10 13.57
C TYR A 343 -38.79 -19.77 13.07
N LEU A 344 -38.32 -19.36 11.91
CA LEU A 344 -38.57 -18.06 11.39
C LEU A 344 -38.98 -18.39 9.99
N VAL A 345 -40.25 -18.16 9.69
CA VAL A 345 -40.85 -18.73 8.50
C VAL A 345 -41.44 -17.59 7.74
N GLY A 346 -40.99 -17.38 6.50
CA GLY A 346 -41.28 -16.16 5.80
C GLY A 346 -41.25 -16.30 4.29
N TRP A 347 -41.91 -15.37 3.61
CA TRP A 347 -42.21 -15.56 2.20
C TRP A 347 -41.44 -14.50 1.45
N GLN A 348 -41.23 -14.74 0.16
CA GLN A 348 -40.28 -13.99 -0.65
C GLN A 348 -39.11 -13.44 0.18
N THR A 349 -38.88 -12.13 0.07
CA THR A 349 -37.68 -11.50 0.52
C THR A 349 -37.61 -11.47 2.03
N LEU A 350 -38.75 -11.38 2.66
CA LEU A 350 -38.77 -11.43 4.10
C LEU A 350 -38.35 -12.77 4.63
N GLY A 351 -38.55 -13.82 3.84
CA GLY A 351 -38.09 -15.13 4.28
C GLY A 351 -36.57 -15.18 4.36
N ILE A 352 -35.93 -14.70 3.29
CA ILE A 352 -34.50 -14.66 3.13
C ILE A 352 -33.88 -13.99 4.35
N ILE A 353 -34.33 -12.77 4.62
CA ILE A 353 -33.91 -11.97 5.78
C ILE A 353 -34.09 -12.73 7.10
N ALA A 354 -35.07 -13.64 7.14
CA ALA A 354 -35.27 -14.55 8.30
C ALA A 354 -34.07 -15.53 8.44
N ILE A 355 -33.66 -16.03 7.28
CA ILE A 355 -32.54 -16.93 7.19
C ILE A 355 -31.29 -16.21 7.60
N MET A 356 -31.14 -14.98 7.13
CA MET A 356 -29.91 -14.26 7.38
C MET A 356 -29.81 -13.98 8.85
N ASP A 357 -30.91 -13.67 9.51
CA ASP A 357 -30.79 -13.40 10.92
C ASP A 357 -30.40 -14.62 11.68
N GLY A 358 -30.87 -15.79 11.23
CA GLY A 358 -30.70 -17.04 11.99
C GLY A 358 -29.26 -17.50 11.95
N VAL A 359 -28.78 -17.57 10.72
CA VAL A 359 -27.41 -17.84 10.42
C VAL A 359 -26.42 -16.91 11.16
N GLU A 360 -26.75 -15.62 11.31
CA GLU A 360 -25.83 -14.70 11.97
C GLU A 360 -25.74 -14.98 13.45
N CYS A 361 -26.72 -15.66 14.00
CA CYS A 361 -26.72 -15.99 15.44
C CYS A 361 -25.68 -17.02 15.81
N ILE A 362 -25.22 -17.77 14.80
CA ILE A 362 -24.24 -18.80 14.99
C ILE A 362 -22.93 -18.14 15.42
N HIS A 363 -22.39 -17.23 14.60
CA HIS A 363 -21.10 -16.62 14.95
C HIS A 363 -21.28 -15.54 15.99
N THR A 364 -22.32 -14.74 15.87
CA THR A 364 -22.55 -13.67 16.84
C THR A 364 -22.75 -14.17 18.28
N PHE A 365 -23.33 -15.34 18.46
CA PHE A 365 -23.57 -15.83 19.83
C PHE A 365 -23.03 -17.22 20.19
N GLY A 366 -22.29 -17.83 19.26
CA GLY A 366 -21.87 -19.20 19.44
C GLY A 366 -23.03 -20.17 19.50
N ALA A 367 -24.16 -19.79 18.90
CA ALA A 367 -25.38 -20.56 19.03
C ALA A 367 -25.38 -21.51 17.86
N ASP A 368 -26.09 -22.62 18.01
CA ASP A 368 -26.08 -23.74 17.06
C ASP A 368 -27.04 -23.43 15.91
N PHE A 369 -26.78 -23.93 14.71
CA PHE A 369 -27.60 -23.56 13.53
C PHE A 369 -29.06 -23.93 13.64
N ARG A 370 -29.41 -24.74 14.63
CA ARG A 370 -30.79 -25.07 14.89
C ARG A 370 -31.41 -24.05 15.83
N ASP A 371 -30.58 -23.38 16.63
CA ASP A 371 -31.09 -22.49 17.68
C ASP A 371 -32.08 -21.45 17.14
N VAL A 372 -31.72 -20.76 16.06
CA VAL A 372 -32.60 -19.79 15.44
C VAL A 372 -32.45 -19.94 13.95
N ARG A 373 -33.41 -20.63 13.33
CA ARG A 373 -33.24 -21.13 11.96
C ARG A 373 -34.23 -20.36 11.09
N GLY A 374 -33.79 -19.95 9.91
CA GLY A 374 -34.67 -19.27 8.96
C GLY A 374 -35.13 -20.17 7.84
N PHE A 375 -36.24 -19.80 7.22
CA PHE A 375 -36.98 -20.65 6.28
C PHE A 375 -37.75 -19.80 5.25
N LEU A 376 -37.53 -20.08 3.97
CA LEU A 376 -38.28 -19.43 2.87
C LEU A 376 -39.24 -20.38 2.10
N ILE A 377 -40.47 -19.92 1.85
CA ILE A 377 -41.40 -20.61 0.95
C ILE A 377 -41.50 -19.94 -0.45
N PHE A 397 -32.99 -24.42 3.40
CA PHE A 397 -33.46 -23.05 3.80
C PHE A 397 -34.70 -22.64 3.00
N THR A 398 -34.75 -23.10 1.75
CA THR A 398 -35.82 -22.79 0.81
C THR A 398 -36.97 -23.88 0.80
N PHE A 399 -37.25 -24.49 1.96
CA PHE A 399 -38.12 -25.67 2.04
C PHE A 399 -39.64 -25.36 2.00
N SER A 400 -40.16 -25.33 0.76
CA SER A 400 -41.59 -25.16 0.36
C SER A 400 -42.71 -25.91 1.15
N GLN A 401 -43.97 -25.60 0.83
CA GLN A 401 -45.14 -25.82 1.73
C GLN A 401 -45.34 -27.19 2.36
N GLU A 402 -45.51 -28.19 1.49
CA GLU A 402 -45.69 -29.56 1.93
C GLU A 402 -44.36 -30.05 2.47
N ASP A 403 -43.26 -29.67 1.79
CA ASP A 403 -41.91 -30.06 2.24
C ASP A 403 -41.62 -29.61 3.69
N PHE A 404 -42.10 -28.43 4.07
CA PHE A 404 -42.05 -28.00 5.48
C PHE A 404 -43.03 -28.86 6.32
N LEU A 405 -44.25 -29.07 5.79
CA LEU A 405 -45.23 -29.93 6.46
C LEU A 405 -44.67 -31.32 6.79
N THR A 406 -43.98 -31.96 5.83
CA THR A 406 -43.47 -33.32 6.02
C THR A 406 -42.09 -33.35 6.71
N SER A 407 -41.16 -32.46 6.32
CA SER A 407 -39.78 -32.49 6.87
C SER A 407 -39.68 -31.94 8.30
N ILE A 408 -39.88 -30.64 8.46
CA ILE A 408 -39.59 -29.96 9.73
C ILE A 408 -40.70 -30.14 10.76
N LEU A 409 -41.94 -30.13 10.28
CA LEU A 409 -43.12 -30.20 11.15
C LEU A 409 -43.09 -31.35 12.22
N PRO A 410 -42.76 -32.61 11.82
CA PRO A 410 -42.61 -33.75 12.76
C PRO A 410 -41.85 -33.47 14.06
N SER A 411 -40.78 -32.67 13.95
CA SER A 411 -39.83 -32.44 15.04
C SER A 411 -40.12 -31.21 15.92
N LEU A 412 -41.37 -30.72 15.92
CA LEU A 412 -41.74 -29.60 16.78
C LEU A 412 -42.15 -30.09 18.14
N THR A 413 -42.26 -29.19 19.10
CA THR A 413 -42.31 -29.56 20.51
C THR A 413 -43.05 -28.50 21.31
N GLU A 414 -43.64 -28.87 22.45
CA GLU A 414 -44.42 -27.95 23.31
C GLU A 414 -43.67 -26.62 23.53
N ILE A 415 -42.35 -26.70 23.67
CA ILE A 415 -41.52 -25.58 24.15
C ILE A 415 -40.85 -24.70 23.08
N ASP A 416 -40.95 -25.09 21.80
CA ASP A 416 -40.36 -24.33 20.67
C ASP A 416 -41.07 -22.98 20.42
N THR A 417 -40.66 -22.26 19.36
CA THR A 417 -41.31 -21.01 18.94
C THR A 417 -41.24 -20.84 17.43
N VAL A 418 -42.38 -20.67 16.78
CA VAL A 418 -42.40 -20.45 15.32
C VAL A 418 -42.94 -19.07 14.99
N VAL A 419 -42.35 -18.44 13.99
CA VAL A 419 -42.62 -17.04 13.70
C VAL A 419 -42.90 -16.87 12.21
N PHE A 420 -44.01 -16.22 11.93
CA PHE A 420 -44.48 -16.10 10.59
C PHE A 420 -44.44 -14.66 10.14
N ILE A 421 -43.96 -14.49 8.92
CA ILE A 421 -43.46 -13.23 8.45
C ILE A 421 -43.85 -13.11 6.99
N PHE A 422 -44.80 -12.22 6.74
CA PHE A 422 -45.46 -12.14 5.44
C PHE A 422 -46.18 -10.80 5.32
N THR A 423 -46.43 -10.39 4.09
CA THR A 423 -47.35 -9.31 3.79
C THR A 423 -48.77 -9.91 3.62
N LEU A 424 -49.77 -9.05 3.41
CA LEU A 424 -51.09 -9.54 3.02
C LEU A 424 -51.16 -9.76 1.53
N ASP A 425 -50.18 -9.28 0.78
CA ASP A 425 -50.11 -9.55 -0.64
C ASP A 425 -49.56 -10.95 -0.90
N ASP A 426 -49.38 -11.76 0.13
CA ASP A 426 -48.52 -12.94 0.00
C ASP A 426 -49.08 -14.27 -0.53
N ASN A 427 -50.34 -14.62 -0.20
CA ASN A 427 -50.85 -16.01 -0.35
C ASN A 427 -51.06 -16.58 1.05
N LEU A 428 -52.15 -16.13 1.66
CA LEU A 428 -52.45 -16.45 3.04
C LEU A 428 -53.12 -17.83 3.23
N THR A 429 -53.36 -18.53 2.11
CA THR A 429 -53.77 -19.96 2.11
C THR A 429 -52.57 -20.84 2.39
N GLU A 430 -51.48 -20.53 1.72
CA GLU A 430 -50.20 -21.22 1.92
C GLU A 430 -49.73 -20.96 3.35
N VAL A 431 -50.21 -19.86 3.95
CA VAL A 431 -49.89 -19.43 5.30
C VAL A 431 -50.81 -20.00 6.38
N GLN A 432 -52.12 -19.91 6.15
CA GLN A 432 -53.06 -20.36 7.17
C GLN A 432 -52.86 -21.86 7.39
N THR A 433 -52.61 -22.60 6.31
CA THR A 433 -52.39 -24.03 6.37
C THR A 433 -51.23 -24.38 7.29
N ILE A 434 -50.10 -23.68 7.12
CA ILE A 434 -48.87 -24.05 7.79
C ILE A 434 -48.93 -23.68 9.26
N VAL A 435 -49.71 -22.66 9.58
CA VAL A 435 -49.90 -22.26 10.96
C VAL A 435 -50.91 -23.17 11.64
N GLU A 436 -52.03 -23.43 10.93
CA GLU A 436 -53.06 -24.39 11.37
C GLU A 436 -52.39 -25.66 11.90
N GLN A 437 -51.41 -26.15 11.13
CA GLN A 437 -50.65 -27.38 11.46
C GLN A 437 -49.78 -27.22 12.71
N VAL A 438 -48.97 -26.15 12.72
CA VAL A 438 -48.02 -25.86 13.82
C VAL A 438 -48.72 -25.59 15.16
N LYS A 439 -49.95 -25.09 15.13
CA LYS A 439 -50.66 -24.80 16.36
C LYS A 439 -50.75 -26.03 17.23
N GLU A 440 -51.06 -27.14 16.59
CA GLU A 440 -51.20 -28.42 17.29
C GLU A 440 -49.89 -28.83 17.91
N LYS A 441 -48.89 -29.13 17.09
CA LYS A 441 -47.56 -29.53 17.60
C LYS A 441 -46.89 -28.39 18.48
N THR A 442 -47.26 -27.10 18.34
CA THR A 442 -46.62 -26.01 19.19
C THR A 442 -47.43 -25.12 20.16
N ASN A 443 -48.17 -24.13 19.65
CA ASN A 443 -48.84 -23.06 20.46
C ASN A 443 -48.04 -21.73 20.73
N HIS A 444 -46.73 -21.77 21.01
CA HIS A 444 -45.92 -20.53 20.99
C HIS A 444 -45.68 -20.07 19.56
N ILE A 445 -46.74 -19.59 18.91
CA ILE A 445 -46.58 -18.90 17.62
C ILE A 445 -46.91 -17.41 17.83
N GLN A 446 -46.28 -16.54 17.04
CA GLN A 446 -46.59 -15.09 17.00
C GLN A 446 -46.37 -14.74 15.51
N ALA A 447 -46.75 -13.54 15.07
CA ALA A 447 -46.48 -13.23 13.64
C ALA A 447 -46.10 -11.78 13.34
N LEU A 448 -45.62 -11.57 12.12
CA LEU A 448 -45.11 -10.28 11.62
C LEU A 448 -45.73 -10.00 10.26
N ALA A 449 -46.78 -9.19 10.27
CA ALA A 449 -47.59 -8.98 9.09
C ALA A 449 -47.58 -7.53 8.65
N HIS A 450 -47.01 -7.33 7.47
CA HIS A 450 -47.01 -6.03 6.85
C HIS A 450 -48.21 -5.88 5.96
N SER A 451 -48.76 -4.68 5.95
CA SER A 451 -50.01 -4.40 5.23
C SER A 451 -50.07 -2.92 4.88
N THR A 452 -50.53 -2.62 3.68
CA THR A 452 -51.14 -1.32 3.40
C THR A 452 -52.38 -1.07 4.37
N VAL A 453 -52.73 0.18 4.64
CA VAL A 453 -53.94 0.51 5.45
C VAL A 453 -55.23 0.07 4.74
N GLY A 454 -56.12 -0.55 5.51
CA GLY A 454 -57.40 -1.01 4.98
C GLY A 454 -57.34 -2.34 4.24
N GLN A 455 -56.23 -3.05 4.38
CA GLN A 455 -56.18 -4.47 4.07
C GLN A 455 -56.64 -5.19 5.34
N THR A 456 -57.35 -6.30 5.17
CA THR A 456 -57.92 -6.99 6.33
C THR A 456 -57.38 -8.39 6.40
N LEU A 457 -57.34 -8.92 7.61
CA LEU A 457 -56.72 -10.19 7.84
C LEU A 457 -57.78 -11.30 7.82
N PRO A 458 -57.87 -12.05 6.68
CA PRO A 458 -58.78 -13.20 6.56
C PRO A 458 -58.88 -14.06 7.83
N ILE A 459 -60.03 -14.75 7.98
CA ILE A 459 -60.40 -15.48 9.21
C ILE A 459 -60.43 -14.48 10.39
N PRO A 460 -61.61 -13.86 10.70
CA PRO A 460 -61.72 -13.00 11.93
C PRO A 460 -61.33 -13.74 13.23
N LEU A 461 -61.43 -15.08 13.20
CA LEU A 461 -60.74 -15.94 14.16
C LEU A 461 -59.32 -16.37 13.70
N LYS A 462 -58.61 -15.47 12.99
CA LYS A 462 -57.17 -15.65 12.85
C LYS A 462 -56.74 -15.32 14.22
N LYS A 463 -56.90 -16.33 15.09
CA LYS A 463 -56.56 -16.30 16.50
C LYS A 463 -56.43 -17.73 17.04
N LEU A 464 -55.65 -18.64 16.43
CA LEU A 464 -54.40 -18.42 15.62
C LEU A 464 -53.50 -17.34 16.22
N PHE A 465 -53.59 -16.10 15.73
CA PHE A 465 -52.85 -14.99 16.31
C PHE A 465 -53.72 -14.04 17.14
N PRO A 466 -53.86 -14.31 18.46
CA PRO A 466 -54.59 -13.38 19.33
C PRO A 466 -53.84 -12.06 19.59
N SER A 467 -52.57 -11.96 19.20
CA SER A 467 -51.76 -10.77 19.51
C SER A 467 -50.67 -10.47 18.46
N ILE A 468 -51.04 -10.59 17.19
CA ILE A 468 -50.20 -10.17 16.05
C ILE A 468 -49.32 -8.90 16.23
N ILE A 469 -48.32 -8.85 15.36
CA ILE A 469 -47.53 -7.68 15.12
C ILE A 469 -47.95 -7.22 13.72
N SER A 470 -49.13 -6.58 13.70
CA SER A 470 -49.57 -5.91 12.49
C SER A 470 -48.74 -4.63 12.46
N ILE A 471 -47.96 -4.54 11.38
CA ILE A 471 -47.34 -3.30 10.97
C ILE A 471 -48.06 -2.83 9.71
N THR A 472 -48.88 -1.81 9.93
CA THR A 472 -49.69 -1.22 8.87
C THR A 472 -49.01 0.05 8.36
N TRP A 473 -48.70 0.06 7.07
CA TRP A 473 -48.07 1.17 6.37
C TRP A 473 -49.07 2.20 5.83
N PRO A 474 -48.78 3.51 5.95
CA PRO A 474 -49.48 4.48 5.12
C PRO A 474 -49.50 4.08 3.65
N LEU A 475 -50.31 4.78 2.86
CA LEU A 475 -50.26 4.69 1.40
C LEU A 475 -49.26 5.75 0.95
N LEU A 476 -48.26 5.35 0.15
CA LEU A 476 -47.28 6.25 -0.43
C LEU A 476 -47.46 6.24 -1.95
N PHE A 477 -46.81 7.18 -2.65
CA PHE A 477 -47.08 7.44 -4.07
C PHE A 477 -46.02 6.86 -4.99
N PHE A 478 -45.98 5.53 -5.02
CA PHE A 478 -45.09 4.73 -5.88
C PHE A 478 -45.52 4.73 -7.36
N GLU A 479 -44.54 4.71 -8.26
CA GLU A 479 -44.85 4.63 -9.70
C GLU A 479 -44.31 3.37 -10.37
N TYR A 480 -43.21 2.78 -9.87
CA TYR A 480 -42.68 1.55 -10.45
C TYR A 480 -43.54 0.35 -10.10
N GLU A 481 -43.65 -0.54 -11.08
CA GLU A 481 -44.60 -1.67 -11.10
C GLU A 481 -44.65 -2.55 -9.83
N GLY A 482 -43.49 -2.84 -9.20
CA GLY A 482 -43.41 -3.71 -8.00
C GLY A 482 -43.50 -3.03 -6.63
N ASN A 483 -43.70 -1.70 -6.65
CA ASN A 483 -43.71 -0.85 -5.44
C ASN A 483 -42.45 -1.07 -4.57
N PHE A 484 -41.30 -0.66 -5.09
CA PHE A 484 -40.03 -1.01 -4.49
C PHE A 484 -39.78 -0.33 -3.13
N ILE A 485 -40.24 0.91 -2.98
CA ILE A 485 -40.17 1.58 -1.69
C ILE A 485 -40.96 0.84 -0.63
N GLN A 486 -42.10 0.29 -1.00
CA GLN A 486 -42.89 -0.54 -0.07
C GLN A 486 -42.05 -1.75 0.33
N LYS A 487 -41.29 -2.28 -0.61
CA LYS A 487 -40.47 -3.46 -0.33
C LYS A 487 -39.39 -3.10 0.69
N PHE A 488 -38.64 -2.02 0.40
CA PHE A 488 -37.51 -1.64 1.23
C PHE A 488 -37.91 -1.32 2.62
N GLN A 489 -39.09 -0.73 2.77
CA GLN A 489 -39.63 -0.44 4.09
C GLN A 489 -39.82 -1.69 4.85
N ARG A 490 -40.36 -2.68 4.14
CA ARG A 490 -40.84 -3.90 4.80
C ARG A 490 -39.66 -4.77 5.25
N GLU A 491 -38.70 -4.97 4.34
CA GLU A 491 -37.40 -5.56 4.65
C GLU A 491 -36.76 -4.94 5.89
N LEU A 492 -36.58 -3.60 5.85
CA LEU A 492 -35.86 -2.92 6.92
C LEU A 492 -36.54 -3.15 8.27
N SER A 493 -37.86 -3.07 8.25
CA SER A 493 -38.65 -3.13 9.43
C SER A 493 -38.53 -4.52 10.05
N THR A 494 -38.61 -5.54 9.19
CA THR A 494 -38.39 -6.93 9.60
C THR A 494 -36.98 -7.15 10.17
N LYS A 495 -35.97 -6.69 9.40
CA LYS A 495 -34.59 -6.80 9.84
C LYS A 495 -34.46 -6.23 11.22
N TRP A 496 -34.93 -4.99 11.38
CA TRP A 496 -34.94 -4.40 12.71
C TRP A 496 -35.58 -5.29 13.77
N VAL A 497 -36.71 -5.93 13.43
CA VAL A 497 -37.41 -6.75 14.41
C VAL A 497 -36.64 -8.00 14.73
N LEU A 498 -36.35 -8.76 13.72
CA LEU A 498 -35.62 -9.99 13.90
C LEU A 498 -34.29 -9.76 14.65
N ASN A 499 -33.47 -8.80 14.18
CA ASN A 499 -32.21 -8.42 14.83
C ASN A 499 -32.45 -8.11 16.31
N THR A 500 -33.42 -7.24 16.60
CA THR A 500 -33.70 -6.84 17.98
C THR A 500 -34.15 -8.03 18.81
N VAL A 501 -34.95 -8.87 18.19
CA VAL A 501 -35.43 -10.07 18.86
C VAL A 501 -34.28 -11.04 19.17
N SER A 502 -33.56 -11.41 18.10
CA SER A 502 -32.54 -12.45 18.18
C SER A 502 -31.48 -12.02 19.15
N THR A 503 -31.02 -10.79 18.97
CA THR A 503 -29.98 -10.24 19.82
C THR A 503 -30.49 -10.18 21.23
N GLY A 504 -31.69 -9.62 21.40
CA GLY A 504 -32.27 -9.46 22.71
C GLY A 504 -32.36 -10.77 23.46
N ALA A 505 -32.95 -11.77 22.80
CA ALA A 505 -33.13 -13.09 23.41
C ALA A 505 -31.83 -13.57 24.06
N HIS A 506 -30.72 -13.47 23.34
CA HIS A 506 -29.41 -13.92 23.87
C HIS A 506 -28.90 -13.11 25.05
N VAL A 507 -29.13 -11.82 25.04
CA VAL A 507 -28.75 -11.00 26.16
C VAL A 507 -29.48 -11.48 27.40
N LEU A 508 -30.79 -11.66 27.28
CA LEU A 508 -31.64 -12.05 28.40
C LEU A 508 -31.13 -13.33 29.04
N LEU A 509 -30.67 -14.28 28.18
CA LEU A 509 -29.99 -15.51 28.60
C LEU A 509 -28.68 -15.31 29.36
N GLY A 510 -28.21 -14.06 29.47
CA GLY A 510 -27.00 -13.75 30.25
C GLY A 510 -25.68 -13.93 29.49
N LYS A 511 -25.75 -14.20 28.18
CA LYS A 511 -24.55 -14.49 27.37
C LYS A 511 -23.70 -13.29 26.97
N ILE A 512 -24.13 -12.08 27.35
CA ILE A 512 -23.47 -10.82 26.92
C ILE A 512 -22.89 -10.17 28.14
N LEU A 513 -21.70 -9.59 28.03
CA LEU A 513 -21.04 -8.95 29.15
C LEU A 513 -21.05 -7.43 28.97
N GLN A 514 -21.77 -6.76 29.86
CA GLN A 514 -22.15 -5.35 29.71
C GLN A 514 -22.73 -5.13 28.30
N ASN A 515 -21.98 -4.59 27.34
CA ASN A 515 -22.44 -4.60 25.94
C ASN A 515 -21.45 -5.21 24.98
N HIS A 516 -20.73 -6.19 25.47
CA HIS A 516 -19.72 -6.86 24.70
C HIS A 516 -20.07 -8.34 24.67
N MET A 517 -19.84 -8.96 23.53
CA MET A 517 -19.82 -10.40 23.44
C MET A 517 -18.38 -10.84 23.69
N LEU A 518 -18.11 -11.18 24.93
CA LEU A 518 -16.79 -11.65 25.33
C LEU A 518 -16.37 -12.96 24.67
N ASP A 519 -17.29 -13.91 24.57
CA ASP A 519 -16.95 -15.29 24.29
C ASP A 519 -17.16 -15.59 22.82
N LEU A 520 -16.57 -14.76 21.97
CA LEU A 520 -16.73 -14.95 20.53
C LEU A 520 -15.72 -15.94 20.02
N ARG A 521 -15.86 -16.36 18.78
CA ARG A 521 -14.99 -17.35 18.20
C ARG A 521 -14.13 -16.58 17.25
N ILE A 522 -12.85 -16.57 17.53
CA ILE A 522 -11.93 -15.88 16.67
C ILE A 522 -11.87 -16.58 15.32
N SER A 523 -12.54 -16.02 14.33
CA SER A 523 -12.54 -16.63 13.02
C SER A 523 -12.04 -15.75 11.89
N ASN A 524 -11.62 -14.54 12.20
CA ASN A 524 -10.87 -13.71 11.25
C ASN A 524 -9.98 -12.76 12.02
N SER A 525 -9.21 -11.94 11.31
CA SER A 525 -8.28 -11.05 11.99
C SER A 525 -8.97 -9.93 12.79
N LYS A 526 -10.10 -9.45 12.29
CA LYS A 526 -10.82 -8.40 13.05
C LYS A 526 -11.32 -8.88 14.42
N LEU A 527 -11.74 -10.12 14.49
CA LEU A 527 -12.26 -10.72 15.67
C LEU A 527 -11.03 -11.01 16.57
N PHE A 528 -9.88 -11.30 15.96
CA PHE A 528 -8.70 -11.49 16.76
C PHE A 528 -8.41 -10.15 17.45
N TRP A 529 -8.41 -9.06 16.68
CA TRP A 529 -8.12 -7.77 17.29
C TRP A 529 -9.18 -7.39 18.32
N ARG A 530 -10.44 -7.71 18.02
CA ARG A 530 -11.52 -7.38 18.95
C ARG A 530 -11.29 -8.14 20.24
N ALA A 531 -10.89 -9.41 20.14
CA ALA A 531 -10.65 -10.20 21.36
C ALA A 531 -9.57 -9.53 22.19
N LEU A 532 -8.46 -9.21 21.55
CA LEU A 532 -7.38 -8.51 22.25
C LEU A 532 -7.88 -7.23 22.93
N ALA A 533 -8.61 -6.39 22.21
CA ALA A 533 -9.15 -5.16 22.84
C ALA A 533 -10.06 -5.42 24.06
N MET A 534 -10.81 -6.51 24.04
CA MET A 534 -11.70 -6.80 25.13
C MET A 534 -10.91 -7.30 26.33
N LEU A 535 -9.82 -8.02 26.07
CA LEU A 535 -8.92 -8.38 27.16
C LEU A 535 -8.29 -7.12 27.80
N GLN A 536 -7.80 -6.17 27.00
CA GLN A 536 -7.25 -4.93 27.61
C GLN A 536 -8.32 -4.20 28.42
N ARG A 537 -9.54 -4.08 27.84
CA ARG A 537 -10.61 -3.32 28.48
C ARG A 537 -10.96 -3.88 29.86
N PHE A 538 -11.28 -5.16 29.93
CA PHE A 538 -11.81 -5.77 31.12
C PHE A 538 -10.77 -6.06 32.19
N SER A 539 -9.50 -6.29 31.80
CA SER A 539 -8.43 -6.56 32.78
C SER A 539 -7.64 -5.32 33.22
N GLY A 540 -7.48 -4.35 32.36
CA GLY A 540 -6.70 -3.14 32.68
C GLY A 540 -5.21 -3.37 32.57
N GLN A 541 -4.82 -4.54 32.07
CA GLN A 541 -3.42 -4.93 32.06
C GLN A 541 -2.80 -4.69 30.69
N SER A 542 -1.47 -4.77 30.65
CA SER A 542 -0.73 -4.17 29.56
C SER A 542 -1.00 -4.89 28.27
N LYS A 543 -0.65 -4.21 27.19
CA LYS A 543 -0.71 -4.71 25.83
C LYS A 543 0.02 -6.03 25.75
N ALA A 544 1.21 -6.11 26.34
CA ALA A 544 2.06 -7.32 26.20
C ALA A 544 1.56 -8.52 27.06
N ARG A 545 1.03 -8.24 28.24
CA ARG A 545 0.43 -9.30 28.99
C ARG A 545 -0.83 -9.87 28.29
N CYS A 546 -1.68 -8.98 27.79
CA CYS A 546 -2.90 -9.42 27.18
C CYS A 546 -2.57 -10.24 25.96
N ILE A 547 -1.64 -9.77 25.16
CA ILE A 547 -1.26 -10.53 23.99
C ILE A 547 -0.74 -11.90 24.36
N GLU A 548 0.09 -11.97 25.38
CA GLU A 548 0.65 -13.24 25.83
C GLU A 548 -0.41 -14.22 26.31
N SER A 549 -1.30 -13.75 27.15
CA SER A 549 -2.33 -14.64 27.62
C SER A 549 -3.23 -15.16 26.47
N LEU A 550 -3.68 -14.26 25.60
CA LEU A 550 -4.41 -14.62 24.39
C LEU A 550 -3.70 -15.66 23.58
N LEU A 551 -2.45 -15.39 23.21
CA LEU A 551 -1.72 -16.37 22.40
C LEU A 551 -1.52 -17.72 23.13
N ARG A 552 -1.34 -17.70 24.44
CA ARG A 552 -1.21 -18.93 25.21
C ARG A 552 -2.52 -19.70 25.20
N ALA A 553 -3.61 -18.98 25.44
CA ALA A 553 -4.93 -19.58 25.43
C ALA A 553 -5.22 -20.24 24.06
N ILE A 554 -4.88 -19.52 22.99
CA ILE A 554 -5.07 -20.05 21.65
C ILE A 554 -4.25 -21.30 21.41
N HIS A 555 -2.95 -21.21 21.64
CA HIS A 555 -2.07 -22.31 21.22
C HIS A 555 -1.81 -23.37 22.28
N PHE A 556 -2.26 -23.17 23.52
CA PHE A 556 -2.21 -24.25 24.55
C PHE A 556 -2.64 -25.53 23.92
N PRO A 557 -1.94 -26.64 24.16
CA PRO A 557 -0.84 -26.89 25.08
C PRO A 557 0.56 -26.53 24.60
N GLN A 558 0.72 -26.09 23.35
CA GLN A 558 2.05 -25.60 22.95
C GLN A 558 2.30 -24.27 23.72
N PRO A 559 3.54 -24.03 24.18
CA PRO A 559 3.94 -22.74 24.76
C PRO A 559 4.35 -21.69 23.74
N LEU A 560 4.43 -20.45 24.19
CA LEU A 560 4.99 -19.38 23.36
C LEU A 560 6.41 -19.61 22.90
N SER A 561 6.59 -20.03 21.66
CA SER A 561 7.87 -19.90 20.97
C SER A 561 8.00 -18.53 20.34
N ASP A 562 9.21 -18.20 19.90
CA ASP A 562 9.44 -17.03 19.03
C ASP A 562 8.68 -17.13 17.69
N ASP A 563 8.65 -18.29 17.05
CA ASP A 563 7.89 -18.47 15.77
C ASP A 563 6.38 -18.05 15.96
N ILE A 564 5.78 -18.55 17.03
CA ILE A 564 4.41 -18.25 17.34
C ILE A 564 4.25 -16.77 17.59
N ARG A 565 5.16 -16.15 18.32
CA ARG A 565 4.99 -14.74 18.63
C ARG A 565 4.95 -13.90 17.35
N ALA A 566 5.78 -14.32 16.40
CA ALA A 566 6.08 -13.59 15.19
C ALA A 566 5.10 -13.99 14.12
N ALA A 567 4.41 -15.09 14.34
CA ALA A 567 3.50 -15.62 13.33
C ALA A 567 2.49 -14.56 12.95
N PRO A 568 2.06 -14.58 11.65
CA PRO A 568 0.98 -13.75 11.17
C PRO A 568 -0.35 -14.08 11.83
N ILE A 569 -1.20 -13.07 11.92
CA ILE A 569 -2.47 -13.21 12.62
C ILE A 569 -3.29 -14.39 12.07
N SER A 570 -3.14 -14.76 10.78
CA SER A 570 -3.93 -15.90 10.24
C SER A 570 -3.61 -17.24 10.85
N CYS A 571 -2.41 -17.39 11.37
CA CYS A 571 -2.05 -18.61 12.06
C CYS A 571 -2.79 -18.67 13.42
N HIS A 572 -2.84 -17.57 14.15
CA HIS A 572 -3.60 -17.61 15.42
C HIS A 572 -5.07 -17.94 15.15
N VAL A 573 -5.61 -17.26 14.15
CA VAL A 573 -7.00 -17.39 13.78
C VAL A 573 -7.30 -18.85 13.44
N GLN A 574 -6.49 -19.45 12.60
CA GLN A 574 -6.78 -20.81 12.15
C GLN A 574 -6.83 -21.83 13.32
N VAL A 575 -6.04 -21.60 14.37
CA VAL A 575 -6.02 -22.45 15.56
C VAL A 575 -7.14 -22.09 16.52
N ALA A 576 -7.29 -20.81 16.84
CA ALA A 576 -8.45 -20.36 17.69
C ALA A 576 -9.86 -20.69 17.15
N HIS A 577 -10.02 -20.65 15.84
CA HIS A 577 -11.32 -20.86 15.26
C HIS A 577 -11.85 -22.21 15.69
N GLU A 578 -10.94 -23.16 15.93
CA GLU A 578 -11.33 -24.51 16.36
C GLU A 578 -11.53 -24.65 17.86
N LYS A 579 -11.23 -23.65 18.69
CA LYS A 579 -11.34 -23.86 20.13
C LYS A 579 -12.58 -23.19 20.77
N GLU A 580 -12.82 -23.48 22.05
CA GLU A 580 -13.97 -23.04 22.82
C GLU A 580 -13.53 -22.19 24.00
N GLN A 581 -14.31 -21.18 24.34
CA GLN A 581 -13.97 -20.35 25.52
C GLN A 581 -12.52 -19.78 25.50
N VAL A 582 -11.90 -19.67 24.33
CA VAL A 582 -10.55 -19.11 24.27
C VAL A 582 -10.46 -17.77 25.00
N ILE A 583 -11.38 -16.85 24.75
CA ILE A 583 -11.22 -15.54 25.35
C ILE A 583 -11.48 -15.53 26.85
N PRO A 584 -12.54 -16.18 27.30
CA PRO A 584 -12.73 -16.21 28.77
C PRO A 584 -11.53 -16.85 29.53
N ILE A 585 -10.99 -17.93 28.97
CA ILE A 585 -9.80 -18.57 29.58
C ILE A 585 -8.64 -17.58 29.69
N ALA A 586 -8.41 -16.84 28.62
CA ALA A 586 -7.33 -15.86 28.59
C ALA A 586 -7.59 -14.77 29.60
N LEU A 587 -8.82 -14.35 29.73
CA LEU A 587 -9.09 -13.31 30.66
C LEU A 587 -8.90 -13.86 32.06
N LEU A 588 -9.35 -15.09 32.31
CA LEU A 588 -9.18 -15.63 33.67
C LEU A 588 -7.67 -15.69 34.03
N SER A 589 -6.84 -16.25 33.15
CA SER A 589 -5.39 -16.29 33.38
C SER A 589 -4.91 -14.92 33.83
N LEU A 590 -5.38 -13.86 33.17
CA LEU A 590 -4.96 -12.50 33.47
C LEU A 590 -5.44 -12.04 34.85
N LEU A 591 -6.73 -12.21 35.14
CA LEU A 591 -7.28 -11.68 36.38
C LEU A 591 -6.68 -12.37 37.59
N PHE A 592 -6.60 -13.70 37.57
CA PHE A 592 -5.94 -14.49 38.65
C PHE A 592 -4.40 -14.52 38.60
N ARG A 593 -3.82 -13.97 37.54
CA ARG A 593 -2.38 -13.95 37.29
C ARG A 593 -1.82 -15.33 37.30
N CYS A 594 -2.55 -16.24 36.67
CA CYS A 594 -2.27 -17.69 36.73
C CYS A 594 -2.02 -18.28 35.36
N SER A 595 -1.63 -19.54 35.34
CA SER A 595 -1.34 -20.20 34.09
C SER A 595 -2.63 -20.62 33.36
N ILE A 596 -2.50 -21.05 32.10
CA ILE A 596 -3.63 -21.53 31.33
C ILE A 596 -4.12 -22.85 31.93
N THR A 597 -3.21 -23.61 32.50
CA THR A 597 -3.58 -24.87 33.12
C THR A 597 -4.47 -24.59 34.33
N GLU A 598 -4.11 -23.57 35.11
CA GLU A 598 -4.86 -23.22 36.30
C GLU A 598 -6.22 -22.55 35.98
N ALA A 599 -6.27 -21.76 34.91
CA ALA A 599 -7.50 -21.03 34.57
C ALA A 599 -8.52 -21.94 33.90
N GLN A 600 -8.08 -22.88 33.07
CA GLN A 600 -8.93 -23.95 32.57
C GLN A 600 -9.56 -24.75 33.68
N ALA A 601 -8.75 -25.07 34.69
CA ALA A 601 -9.22 -25.90 35.78
C ALA A 601 -10.26 -25.12 36.53
N HIS A 602 -10.04 -23.82 36.66
CA HIS A 602 -10.97 -22.96 37.38
C HIS A 602 -12.27 -22.85 36.62
N LEU A 603 -12.17 -22.77 35.32
CA LEU A 603 -13.36 -22.68 34.54
C LEU A 603 -14.22 -23.91 34.78
N ALA A 604 -13.70 -25.08 34.42
CA ALA A 604 -14.39 -26.36 34.60
C ALA A 604 -15.03 -26.57 36.00
N ALA A 605 -14.52 -25.90 37.02
CA ALA A 605 -15.06 -26.06 38.36
C ALA A 605 -15.99 -24.88 38.75
N ALA A 606 -16.32 -24.03 37.79
CA ALA A 606 -17.39 -23.05 38.00
C ALA A 606 -18.70 -23.61 37.39
N PRO A 607 -19.86 -23.17 37.91
CA PRO A 607 -21.18 -23.49 37.33
C PRO A 607 -21.33 -23.13 35.86
N SER A 608 -20.78 -22.00 35.44
CA SER A 608 -20.79 -21.63 34.02
C SER A 608 -19.71 -20.60 33.65
N VAL A 609 -19.43 -20.55 32.35
CA VAL A 609 -18.50 -19.58 31.79
C VAL A 609 -18.86 -18.17 32.30
N CYS A 610 -20.14 -17.84 32.19
CA CYS A 610 -20.65 -16.52 32.49
C CYS A 610 -20.43 -16.14 33.97
N GLU A 611 -20.58 -17.10 34.90
CA GLU A 611 -20.43 -16.79 36.34
C GLU A 611 -18.94 -16.77 36.67
N ALA A 612 -18.17 -17.63 36.02
CA ALA A 612 -16.74 -17.67 36.24
C ALA A 612 -16.14 -16.30 35.91
N VAL A 613 -16.46 -15.82 34.71
CA VAL A 613 -15.98 -14.54 34.27
C VAL A 613 -16.58 -13.44 35.12
N ARG A 614 -17.89 -13.41 35.24
CA ARG A 614 -18.54 -12.35 36.01
C ARG A 614 -18.02 -12.14 37.44
N SER A 615 -17.73 -13.23 38.12
CA SER A 615 -17.31 -13.16 39.51
C SER A 615 -15.79 -13.09 39.63
N ALA A 616 -15.06 -13.56 38.64
CA ALA A 616 -13.63 -13.14 38.56
C ALA A 616 -13.51 -11.61 38.42
N LEU A 617 -14.41 -10.97 37.67
CA LEU A 617 -14.39 -9.53 37.59
C LEU A 617 -14.64 -8.83 38.93
N ALA A 618 -15.46 -9.42 39.82
CA ALA A 618 -15.73 -8.82 41.18
C ALA A 618 -14.51 -8.36 42.05
N MET B 13 -5.39 22.17 8.98
CA MET B 13 -4.72 23.00 7.94
C MET B 13 -4.62 22.20 6.63
N PRO B 14 -4.64 22.89 5.45
CA PRO B 14 -4.25 22.24 4.18
C PRO B 14 -2.72 22.20 3.98
N GLY B 15 -2.23 21.19 3.27
CA GLY B 15 -0.81 20.84 3.28
C GLY B 15 -0.52 19.72 4.26
N THR B 16 -1.43 19.45 5.20
CA THR B 16 -1.16 18.48 6.28
C THR B 16 -1.01 17.02 5.79
N LYS B 17 -1.94 16.54 4.97
CA LYS B 17 -1.77 15.23 4.33
C LYS B 17 -0.45 15.06 3.56
N ARG B 18 0.19 16.14 3.11
CA ARG B 18 1.40 15.97 2.29
C ARG B 18 2.68 16.11 3.07
N PHE B 19 2.65 16.76 4.24
CA PHE B 19 3.89 17.07 4.96
C PHE B 19 4.01 16.46 6.35
N GLN B 20 3.06 15.61 6.76
CA GLN B 20 3.09 14.97 8.11
C GLN B 20 4.34 14.18 8.35
N HIS B 21 4.67 13.32 7.41
CA HIS B 21 5.77 12.41 7.57
C HIS B 21 7.10 13.15 7.91
N VAL B 22 7.28 14.35 7.37
CA VAL B 22 8.56 15.03 7.43
C VAL B 22 8.85 15.26 8.89
N ILE B 23 10.04 14.90 9.31
CA ILE B 23 10.50 15.11 10.66
C ILE B 23 10.91 16.56 10.92
N GLU B 24 10.40 17.11 12.05
CA GLU B 24 10.73 18.48 12.48
C GLU B 24 12.22 18.72 12.57
N THR B 25 12.60 19.96 12.26
CA THR B 25 13.94 20.41 12.36
C THR B 25 14.30 20.38 13.81
N PRO B 26 15.36 19.65 14.17
CA PRO B 26 15.89 19.66 15.53
C PRO B 26 16.36 21.05 15.95
N GLU B 27 16.91 21.18 17.14
CA GLU B 27 17.43 22.46 17.57
C GLU B 27 18.91 22.26 17.72
N PRO B 28 19.67 23.37 17.69
CA PRO B 28 21.13 23.29 17.57
C PRO B 28 21.75 22.28 18.51
N GLY B 29 22.77 21.56 18.04
CA GLY B 29 23.38 20.46 18.79
C GLY B 29 22.39 19.53 19.46
N LYS B 30 21.22 19.31 18.89
CA LYS B 30 20.34 18.23 19.34
C LYS B 30 19.93 17.40 18.12
N TRP B 31 20.73 17.45 17.06
CA TRP B 31 20.37 16.75 15.82
C TRP B 31 20.57 15.25 16.04
N GLU B 32 21.66 14.91 16.72
CA GLU B 32 21.86 13.56 17.26
C GLU B 32 20.80 13.14 18.28
N LEU B 33 20.65 13.93 19.35
CA LEU B 33 19.81 13.53 20.50
C LEU B 33 18.32 13.46 20.16
N SER B 34 17.86 14.29 19.23
CA SER B 34 16.48 14.19 18.70
C SER B 34 16.20 12.85 18.04
N GLY B 35 17.28 12.11 17.68
CA GLY B 35 17.16 10.90 16.88
C GLY B 35 16.82 11.19 15.42
N TYR B 36 17.04 12.44 14.97
CA TYR B 36 16.82 12.82 13.60
C TYR B 36 17.85 12.08 12.68
N GLU B 37 19.15 12.20 13.00
CA GLU B 37 20.22 11.59 12.20
C GLU B 37 20.03 10.12 11.91
N ALA B 38 19.52 9.40 12.89
CA ALA B 38 19.38 7.95 12.75
C ALA B 38 18.19 7.61 11.89
N ALA B 39 17.29 8.56 11.69
CA ALA B 39 16.22 8.41 10.71
C ALA B 39 16.58 8.94 9.28
N VAL B 40 17.76 9.50 9.10
CA VAL B 40 18.13 9.94 7.80
C VAL B 40 18.66 8.71 7.13
N PRO B 41 18.06 8.35 5.98
CA PRO B 41 18.54 7.16 5.25
C PRO B 41 20.04 7.23 4.89
N ILE B 42 20.68 6.05 4.86
CA ILE B 42 22.16 6.00 4.64
C ILE B 42 22.47 6.69 3.34
N THR B 43 21.66 6.35 2.35
CA THR B 43 21.84 6.81 0.99
C THR B 43 21.69 8.30 0.92
N GLU B 44 20.98 8.89 1.87
CA GLU B 44 20.91 10.36 1.96
C GLU B 44 21.84 11.04 2.96
N LYS B 45 22.52 10.29 3.84
CA LYS B 45 23.32 10.98 4.88
C LYS B 45 24.44 11.74 4.26
N SER B 46 24.92 12.74 4.98
CA SER B 46 26.20 13.37 4.74
C SER B 46 27.28 12.38 5.17
N ASN B 47 28.36 12.27 4.43
CA ASN B 47 29.42 11.38 4.83
C ASN B 47 30.43 12.12 5.70
N PRO B 48 30.61 11.68 6.93
CA PRO B 48 31.56 12.44 7.78
C PRO B 48 32.95 12.64 7.12
N LEU B 49 33.37 11.68 6.31
CA LEU B 49 34.62 11.83 5.58
C LEU B 49 34.64 13.10 4.70
N THR B 50 33.49 13.52 4.19
CA THR B 50 33.47 14.57 3.18
C THR B 50 32.95 15.91 3.64
N GLN B 51 32.87 16.10 4.95
CA GLN B 51 32.36 17.35 5.51
C GLN B 51 33.00 18.59 4.91
N ASP B 52 34.30 18.53 4.69
CA ASP B 52 35.02 19.70 4.21
C ASP B 52 35.52 19.48 2.78
N LEU B 53 34.70 18.79 1.99
CA LEU B 53 35.09 18.50 0.62
C LEU B 53 35.14 19.77 -0.22
N ASP B 54 34.39 20.81 0.16
CA ASP B 54 34.44 22.08 -0.54
C ASP B 54 35.71 22.88 -0.23
N LYS B 55 36.47 22.47 0.80
CA LYS B 55 37.74 23.12 1.16
C LYS B 55 38.97 22.34 0.71
N ALA B 56 38.79 21.33 -0.14
CA ALA B 56 39.86 20.36 -0.38
C ALA B 56 40.38 20.44 -1.81
N ASP B 57 41.70 20.21 -1.97
CA ASP B 57 42.37 20.18 -3.29
C ASP B 57 42.19 18.87 -4.03
N ALA B 58 42.58 18.86 -5.30
CA ALA B 58 42.34 17.73 -6.19
C ALA B 58 42.82 16.44 -5.59
N GLU B 59 44.11 16.43 -5.26
CA GLU B 59 44.74 15.25 -4.69
C GLU B 59 43.97 14.78 -3.42
N ASN B 60 43.53 15.69 -2.55
CA ASN B 60 42.62 15.33 -1.46
C ASN B 60 41.20 14.86 -1.84
N ILE B 61 40.59 15.49 -2.85
CA ILE B 61 39.30 15.02 -3.33
C ILE B 61 39.38 13.61 -3.83
N VAL B 62 40.43 13.29 -4.56
CA VAL B 62 40.62 11.92 -5.03
C VAL B 62 40.82 10.91 -3.86
N ARG B 63 41.53 11.36 -2.82
CA ARG B 63 41.80 10.51 -1.69
C ARG B 63 40.46 10.22 -0.98
N LEU B 64 39.67 11.26 -0.74
CA LEU B 64 38.45 11.11 0.05
C LEU B 64 37.43 10.28 -0.71
N LEU B 65 37.18 10.60 -1.98
CA LEU B 65 36.20 9.80 -2.73
C LEU B 65 36.69 8.37 -2.79
N GLY B 66 38.00 8.20 -2.88
CA GLY B 66 38.58 6.87 -2.84
C GLY B 66 38.17 6.14 -1.57
N GLN B 67 38.32 6.79 -0.42
CA GLN B 67 37.91 6.15 0.85
C GLN B 67 36.42 5.85 0.87
N CYS B 68 35.60 6.79 0.36
CA CYS B 68 34.14 6.58 0.19
C CYS B 68 33.85 5.33 -0.62
N ASP B 69 34.53 5.13 -1.74
CA ASP B 69 34.29 3.91 -2.55
C ASP B 69 34.73 2.61 -1.82
N ALA B 70 35.85 2.67 -1.11
CA ALA B 70 36.30 1.55 -0.29
C ALA B 70 35.26 1.11 0.69
N GLU B 71 34.40 2.04 1.14
CA GLU B 71 33.40 1.69 2.12
C GLU B 71 32.44 0.62 1.59
N ILE B 72 32.37 0.49 0.27
CA ILE B 72 31.57 -0.56 -0.32
C ILE B 72 31.95 -1.95 0.21
N PHE B 73 33.26 -2.20 0.37
CA PHE B 73 33.82 -3.55 0.70
C PHE B 73 34.21 -3.73 2.16
N GLN B 74 34.20 -2.65 2.91
CA GLN B 74 34.25 -2.69 4.35
C GLN B 74 33.31 -3.70 5.10
N GLU B 75 33.86 -4.45 6.06
CA GLU B 75 33.05 -5.48 6.76
C GLU B 75 32.30 -4.87 7.95
N GLU B 76 31.22 -5.55 8.34
CA GLU B 76 30.35 -5.14 9.45
C GLU B 76 31.15 -5.07 10.74
N GLY B 77 30.84 -4.08 11.58
CA GLY B 77 31.48 -3.96 12.91
C GLY B 77 30.66 -4.70 13.96
N GLN B 78 30.61 -4.14 15.19
CA GLN B 78 29.82 -4.67 16.33
C GLN B 78 29.41 -3.58 17.32
N SER B 81 23.52 -3.00 16.52
CA SER B 81 24.19 -1.68 16.52
C SER B 81 24.51 -1.15 15.11
N THR B 82 24.87 -2.06 14.20
CA THR B 82 25.24 -1.74 12.83
C THR B 82 24.46 -2.58 11.83
N TYR B 83 24.56 -2.19 10.56
CA TYR B 83 23.77 -2.77 9.48
C TYR B 83 24.57 -3.82 8.69
N GLN B 84 23.83 -4.75 8.10
CA GLN B 84 24.35 -5.77 7.20
C GLN B 84 25.23 -5.09 6.13
N ARG B 85 26.25 -5.79 5.66
CA ARG B 85 27.16 -5.24 4.68
C ARG B 85 27.49 -6.24 3.61
N LEU B 86 28.21 -5.80 2.58
CA LEU B 86 28.44 -6.65 1.42
C LEU B 86 28.96 -8.06 1.75
N TYR B 87 29.88 -8.17 2.68
CA TYR B 87 30.48 -9.46 3.04
C TYR B 87 29.79 -10.20 4.20
N SER B 88 28.83 -9.55 4.86
CA SER B 88 28.02 -10.22 5.85
C SER B 88 27.37 -11.49 5.32
N GLU B 89 27.21 -12.42 6.21
CA GLU B 89 26.81 -13.77 5.89
C GLU B 89 25.35 -13.84 5.34
N SER B 90 24.47 -13.00 5.90
CA SER B 90 23.08 -12.94 5.41
C SER B 90 23.06 -12.41 3.96
N ILE B 91 23.94 -11.48 3.67
CA ILE B 91 23.99 -10.98 2.30
C ILE B 91 24.58 -12.02 1.32
N LEU B 92 25.73 -12.62 1.66
CA LEU B 92 26.28 -13.65 0.75
C LEU B 92 25.27 -14.76 0.61
N THR B 93 24.55 -15.08 1.68
CA THR B 93 23.47 -16.08 1.57
C THR B 93 22.37 -15.60 0.59
N THR B 94 21.86 -14.39 0.77
CA THR B 94 20.89 -13.92 -0.20
C THR B 94 21.44 -13.98 -1.64
N MET B 95 22.71 -13.65 -1.82
CA MET B 95 23.26 -13.61 -3.17
C MET B 95 23.22 -15.00 -3.78
N VAL B 96 23.59 -16.00 -2.99
CA VAL B 96 23.70 -17.34 -3.51
C VAL B 96 22.32 -17.94 -3.79
N GLN B 97 21.32 -17.70 -2.95
CA GLN B 97 19.99 -18.26 -3.18
C GLN B 97 19.42 -17.69 -4.49
N VAL B 98 19.60 -16.37 -4.65
CA VAL B 98 19.23 -15.71 -5.89
C VAL B 98 19.97 -16.23 -7.12
N ALA B 99 21.30 -16.35 -7.06
CA ALA B 99 22.03 -17.00 -8.15
C ALA B 99 21.39 -18.34 -8.48
N GLY B 100 20.98 -19.04 -7.44
CA GLY B 100 20.25 -20.30 -7.57
C GLY B 100 18.94 -20.21 -8.33
N LYS B 101 18.12 -19.22 -7.99
CA LYS B 101 16.86 -19.04 -8.70
C LYS B 101 17.06 -18.65 -10.17
N VAL B 102 18.15 -17.98 -10.44
CA VAL B 102 18.48 -17.62 -11.78
C VAL B 102 18.92 -18.85 -12.51
N GLN B 103 19.59 -19.76 -11.80
CA GLN B 103 20.01 -21.03 -12.43
C GLN B 103 18.81 -21.89 -12.87
N GLU B 104 17.75 -21.93 -12.07
CA GLU B 104 16.55 -22.64 -12.47
C GLU B 104 16.14 -22.06 -13.82
N VAL B 105 15.98 -20.76 -13.89
CA VAL B 105 15.61 -20.13 -15.15
C VAL B 105 16.61 -20.44 -16.26
N LEU B 106 17.91 -20.31 -15.98
CA LEU B 106 18.96 -20.69 -16.95
C LEU B 106 18.77 -22.09 -17.53
N LYS B 107 18.31 -23.04 -16.73
CA LYS B 107 18.07 -24.40 -17.21
C LYS B 107 16.79 -24.58 -18.02
N GLU B 108 15.88 -23.62 -18.01
CA GLU B 108 14.56 -23.81 -18.60
C GLU B 108 14.14 -22.61 -19.44
N PRO B 109 14.98 -22.20 -20.42
CA PRO B 109 14.75 -20.97 -21.22
C PRO B 109 13.40 -20.83 -21.93
N ASP B 110 12.73 -21.91 -22.32
CA ASP B 110 11.39 -21.74 -22.90
C ASP B 110 10.51 -21.01 -21.88
N GLY B 111 10.17 -19.76 -22.20
CA GLY B 111 9.29 -18.95 -21.37
C GLY B 111 9.96 -18.19 -20.23
N GLY B 112 11.30 -18.15 -20.19
CA GLY B 112 11.99 -17.58 -19.07
C GLY B 112 12.53 -16.23 -19.42
N LEU B 113 12.49 -15.28 -18.49
CA LEU B 113 13.11 -13.97 -18.70
C LEU B 113 13.83 -13.52 -17.43
N VAL B 114 14.94 -12.81 -17.57
CA VAL B 114 15.48 -12.12 -16.42
C VAL B 114 15.48 -10.60 -16.69
N VAL B 115 14.89 -9.83 -15.76
CA VAL B 115 14.77 -8.41 -15.95
C VAL B 115 15.52 -7.60 -14.88
N LEU B 116 16.27 -6.63 -15.33
CA LEU B 116 16.97 -5.74 -14.49
C LEU B 116 16.32 -4.39 -14.76
N SER B 117 15.84 -3.70 -13.72
CA SER B 117 15.02 -2.51 -13.89
C SER B 117 15.36 -1.39 -12.94
N GLY B 118 15.20 -0.14 -13.33
CA GLY B 118 15.39 0.95 -12.37
C GLY B 118 15.33 2.29 -13.02
N GLY B 119 15.46 3.34 -12.21
CA GLY B 119 15.45 4.73 -12.70
C GLY B 119 16.84 5.31 -12.69
N GLY B 120 17.08 6.34 -13.50
CA GLY B 120 18.37 6.99 -13.54
C GLY B 120 19.51 5.98 -13.63
N THR B 121 20.61 6.25 -12.94
CA THR B 121 21.78 5.40 -13.02
C THR B 121 21.45 3.95 -12.70
N SER B 122 20.43 3.68 -11.91
CA SER B 122 20.11 2.28 -11.64
C SER B 122 19.63 1.65 -12.91
N GLY B 123 18.89 2.43 -13.71
CA GLY B 123 18.47 1.97 -15.05
C GLY B 123 19.65 1.87 -15.99
N ARG B 124 20.56 2.81 -15.93
CA ARG B 124 21.71 2.77 -16.78
C ARG B 124 22.51 1.53 -16.53
N MET B 125 22.72 1.18 -15.26
CA MET B 125 23.47 -0.02 -14.91
C MET B 125 22.69 -1.24 -15.26
N ALA B 126 21.36 -1.21 -15.15
CA ALA B 126 20.59 -2.37 -15.57
C ALA B 126 20.88 -2.67 -17.03
N PHE B 127 21.03 -1.63 -17.82
CA PHE B 127 21.24 -1.82 -19.23
C PHE B 127 22.62 -2.41 -19.48
N LEU B 128 23.68 -1.78 -18.99
CA LEU B 128 24.99 -2.38 -19.21
C LEU B 128 24.98 -3.89 -18.86
N MET B 129 24.52 -4.24 -17.69
CA MET B 129 24.57 -5.62 -17.29
C MET B 129 23.80 -6.52 -18.21
N SER B 130 22.63 -6.11 -18.67
CA SER B 130 21.83 -6.96 -19.53
C SER B 130 22.58 -7.30 -20.87
N VAL B 131 23.27 -6.31 -21.41
CA VAL B 131 24.08 -6.50 -22.59
C VAL B 131 25.16 -7.52 -22.25
N SER B 132 25.99 -7.23 -21.25
CA SER B 132 27.05 -8.16 -20.88
C SER B 132 26.59 -9.62 -20.72
N PHE B 133 25.49 -9.86 -20.04
CA PHE B 133 25.09 -11.23 -19.80
C PHE B 133 24.39 -11.83 -20.99
N ASN B 134 23.74 -11.01 -21.81
CA ASN B 134 23.30 -11.51 -23.11
C ASN B 134 24.54 -11.90 -23.98
N GLN B 135 25.62 -11.09 -24.00
CA GLN B 135 26.82 -11.45 -24.74
C GLN B 135 27.28 -12.83 -24.29
N LEU B 136 27.28 -13.04 -23.00
CA LEU B 136 27.70 -14.31 -22.43
C LEU B 136 26.88 -15.51 -22.89
N MET B 137 25.57 -15.41 -23.00
CA MET B 137 24.79 -16.55 -23.45
C MET B 137 24.98 -16.83 -24.99
N LYS B 138 25.10 -15.76 -25.77
CA LYS B 138 25.50 -15.82 -27.17
C LYS B 138 26.85 -16.56 -27.36
N GLY B 139 27.87 -16.21 -26.57
CA GLY B 139 29.13 -16.95 -26.54
C GLY B 139 29.03 -18.44 -26.13
N LEU B 140 27.83 -18.94 -25.84
CA LEU B 140 27.61 -20.36 -25.65
C LEU B 140 26.51 -20.85 -26.53
N GLY B 141 26.18 -20.06 -27.56
CA GLY B 141 25.01 -20.36 -28.41
C GLY B 141 23.84 -20.77 -27.56
N GLN B 142 23.44 -19.85 -26.67
CA GLN B 142 22.21 -19.98 -25.90
C GLN B 142 21.33 -18.79 -26.22
N LYS B 143 20.03 -18.99 -26.10
CA LYS B 143 19.08 -17.91 -26.35
C LYS B 143 19.24 -16.85 -25.22
N PRO B 144 19.62 -15.61 -25.56
CA PRO B 144 19.78 -14.56 -24.51
C PRO B 144 18.47 -14.38 -23.68
N LEU B 145 18.56 -14.38 -22.35
CA LEU B 145 17.38 -14.32 -21.49
C LEU B 145 17.19 -12.98 -20.77
N TYR B 146 18.14 -12.07 -20.87
CA TYR B 146 18.09 -10.84 -20.11
C TYR B 146 17.54 -9.71 -20.95
N THR B 147 16.87 -8.80 -20.29
CA THR B 147 16.58 -7.52 -20.83
C THR B 147 16.56 -6.53 -19.70
N TYR B 148 16.30 -5.27 -20.03
CA TYR B 148 16.38 -4.19 -19.08
C TYR B 148 15.16 -3.25 -19.16
N LEU B 149 14.91 -2.52 -18.09
CA LEU B 149 13.85 -1.54 -18.03
C LEU B 149 14.45 -0.33 -17.34
N ILE B 150 14.31 0.83 -17.95
CA ILE B 150 14.67 2.06 -17.29
C ILE B 150 13.48 3.03 -17.34
N ALA B 151 13.26 3.78 -16.26
CA ALA B 151 12.19 4.75 -16.21
C ALA B 151 12.35 5.67 -17.39
N GLY B 152 11.30 5.74 -18.18
CA GLY B 152 11.18 6.66 -19.29
C GLY B 152 11.26 5.94 -20.61
N GLY B 153 11.64 4.66 -20.57
CA GLY B 153 11.94 3.90 -21.75
C GLY B 153 13.33 4.19 -22.25
N ASP B 154 13.64 3.59 -23.40
CA ASP B 154 15.01 3.36 -23.85
C ASP B 154 15.84 4.59 -24.00
N ARG B 155 15.21 5.69 -24.39
CA ARG B 155 15.92 6.97 -24.55
C ARG B 155 16.60 7.38 -23.24
N SER B 156 15.98 7.07 -22.09
CA SER B 156 16.55 7.43 -20.79
C SER B 156 18.00 7.00 -20.52
N VAL B 157 18.44 5.94 -21.21
CA VAL B 157 19.74 5.35 -20.97
C VAL B 157 20.89 6.33 -21.14
N VAL B 158 20.76 7.24 -22.09
CA VAL B 158 21.81 8.22 -22.34
C VAL B 158 21.33 9.68 -22.21
N ALA B 159 20.28 9.93 -21.45
CA ALA B 159 19.87 11.32 -21.24
C ALA B 159 19.61 11.58 -19.79
N SER B 160 19.52 12.87 -19.47
CA SER B 160 19.03 13.28 -18.16
C SER B 160 17.49 13.36 -18.18
N ARG B 161 16.84 12.52 -17.40
CA ARG B 161 15.40 12.42 -17.41
C ARG B 161 14.85 11.99 -16.04
N GLU B 162 15.19 12.81 -15.03
CA GLU B 162 14.96 12.46 -13.60
C GLU B 162 13.49 12.39 -13.21
N GLY B 163 12.61 13.01 -14.00
CA GLY B 163 11.16 13.01 -13.73
C GLY B 163 10.37 11.76 -14.01
N THR B 164 10.96 10.76 -14.68
CA THR B 164 10.23 9.57 -15.14
C THR B 164 10.08 8.47 -14.12
N GLU B 165 10.76 8.60 -13.00
CA GLU B 165 10.78 7.57 -11.95
C GLU B 165 9.61 7.58 -10.99
N ASP B 166 8.74 8.59 -11.13
CA ASP B 166 7.74 8.88 -10.11
C ASP B 166 6.43 8.13 -10.25
N SER B 167 6.25 7.37 -11.31
CA SER B 167 4.98 6.67 -11.52
C SER B 167 5.20 5.21 -11.37
N ALA B 168 4.43 4.61 -10.48
CA ALA B 168 4.39 3.17 -10.29
C ALA B 168 3.68 2.45 -11.42
N LEU B 169 2.71 3.09 -12.05
CA LEU B 169 1.95 2.47 -13.15
C LEU B 169 2.84 2.42 -14.37
N HIS B 170 3.62 3.44 -14.60
CA HIS B 170 4.57 3.38 -15.70
C HIS B 170 5.52 2.18 -15.49
N GLY B 171 5.96 1.97 -14.25
CA GLY B 171 6.79 0.83 -13.91
C GLY B 171 6.13 -0.47 -14.34
N ILE B 172 4.85 -0.56 -14.06
CA ILE B 172 4.13 -1.78 -14.25
C ILE B 172 3.85 -2.02 -15.69
N GLU B 173 3.66 -0.97 -16.46
CA GLU B 173 3.37 -1.14 -17.89
C GLU B 173 4.58 -1.73 -18.58
N GLU B 174 5.71 -1.06 -18.44
CA GLU B 174 6.95 -1.50 -19.06
C GLU B 174 7.29 -2.97 -18.73
N LEU B 175 6.92 -3.42 -17.53
CA LEU B 175 7.17 -4.79 -17.09
C LEU B 175 6.22 -5.71 -17.81
N LYS B 176 4.94 -5.33 -17.89
CA LYS B 176 3.97 -6.19 -18.62
C LYS B 176 4.27 -6.34 -20.11
N LYS B 177 4.77 -5.28 -20.74
CA LYS B 177 5.13 -5.38 -22.16
C LYS B 177 6.17 -6.44 -22.32
N VAL B 178 7.26 -6.26 -21.60
CA VAL B 178 8.39 -7.13 -21.68
C VAL B 178 8.10 -8.60 -21.24
N ALA B 179 7.14 -8.82 -20.36
CA ALA B 179 6.89 -10.16 -19.79
C ALA B 179 5.66 -10.89 -20.33
N ALA B 180 5.05 -10.33 -21.35
CA ALA B 180 3.81 -10.86 -21.91
C ALA B 180 4.03 -12.29 -22.38
N GLY B 181 3.11 -13.18 -21.99
CA GLY B 181 3.19 -14.60 -22.33
C GLY B 181 4.53 -15.30 -22.04
N LYS B 182 5.09 -15.04 -20.87
CA LYS B 182 6.29 -15.74 -20.38
C LYS B 182 5.79 -16.52 -19.18
N LYS B 183 6.48 -17.61 -18.83
CA LYS B 183 6.04 -18.48 -17.73
C LYS B 183 6.83 -18.23 -16.46
N ARG B 184 8.15 -17.96 -16.58
CA ARG B 184 9.02 -17.61 -15.43
C ARG B 184 9.82 -16.35 -15.68
N VAL B 185 9.63 -15.34 -14.83
CA VAL B 185 10.31 -14.07 -14.95
C VAL B 185 10.97 -13.66 -13.63
N ILE B 186 12.28 -13.49 -13.61
CA ILE B 186 12.93 -12.88 -12.45
C ILE B 186 13.11 -11.38 -12.71
N VAL B 187 12.60 -10.59 -11.77
CA VAL B 187 12.60 -9.17 -11.89
C VAL B 187 13.53 -8.68 -10.81
N ILE B 188 14.65 -8.11 -11.21
CA ILE B 188 15.53 -7.56 -10.27
C ILE B 188 15.31 -6.07 -10.29
N GLY B 189 14.76 -5.56 -9.20
CA GLY B 189 14.36 -4.17 -9.13
C GLY B 189 15.37 -3.39 -8.36
N ILE B 190 15.98 -2.43 -9.02
CA ILE B 190 17.15 -1.80 -8.45
C ILE B 190 16.79 -0.38 -8.07
N SER B 191 16.83 -0.07 -6.78
CA SER B 191 16.70 1.31 -6.35
C SER B 191 17.61 1.52 -5.17
N VAL B 192 18.60 2.36 -5.37
CA VAL B 192 19.65 2.49 -4.43
C VAL B 192 19.10 2.90 -3.10
N GLY B 193 18.16 3.84 -3.13
CA GLY B 193 17.54 4.32 -1.90
C GLY B 193 16.40 3.46 -1.35
N LEU B 194 16.02 2.38 -2.01
CA LEU B 194 14.70 1.81 -1.80
C LEU B 194 13.67 2.97 -1.89
N SER B 195 13.74 3.66 -3.03
CA SER B 195 13.07 4.92 -3.24
C SER B 195 12.12 4.99 -4.45
N ALA B 196 12.42 4.31 -5.55
CA ALA B 196 11.78 4.65 -6.81
C ALA B 196 10.38 4.06 -6.98
N PRO B 197 9.38 4.92 -7.19
CA PRO B 197 8.03 4.46 -7.49
C PRO B 197 7.95 3.51 -8.68
N PHE B 198 8.67 3.85 -9.74
CA PHE B 198 8.91 2.96 -10.89
C PHE B 198 9.16 1.52 -10.46
N VAL B 199 10.00 1.31 -9.45
CA VAL B 199 10.34 -0.05 -9.02
C VAL B 199 9.40 -0.57 -8.00
N ALA B 200 8.99 0.29 -7.08
CA ALA B 200 7.98 -0.09 -6.09
C ALA B 200 6.81 -0.77 -6.73
N GLY B 201 6.28 -0.14 -7.77
CA GLY B 201 5.16 -0.77 -8.49
C GLY B 201 5.45 -2.17 -9.02
N GLN B 202 6.63 -2.30 -9.65
CA GLN B 202 7.06 -3.57 -10.29
C GLN B 202 7.14 -4.68 -9.30
N MET B 203 7.75 -4.39 -8.15
CA MET B 203 7.89 -5.37 -7.08
C MET B 203 6.56 -5.76 -6.52
N ASP B 204 5.61 -4.82 -6.38
CA ASP B 204 4.29 -5.17 -5.82
C ASP B 204 3.47 -6.07 -6.78
N CYS B 205 3.51 -5.70 -8.05
CA CYS B 205 2.91 -6.48 -9.11
C CYS B 205 3.40 -7.90 -9.07
N CYS B 206 4.72 -8.05 -9.01
CA CYS B 206 5.36 -9.35 -8.89
C CYS B 206 4.80 -10.15 -7.74
N MET B 207 4.72 -9.60 -6.54
CA MET B 207 4.16 -10.40 -5.41
C MET B 207 2.70 -10.77 -5.61
N ASN B 208 1.97 -10.04 -6.43
CA ASN B 208 0.59 -10.42 -6.68
C ASN B 208 0.48 -11.63 -7.67
N ASN B 209 1.59 -12.08 -8.26
CA ASN B 209 1.55 -13.23 -9.18
C ASN B 209 2.89 -14.01 -9.20
N THR B 210 3.04 -14.91 -8.22
CA THR B 210 4.28 -15.58 -7.88
C THR B 210 4.55 -16.85 -8.66
N ALA B 211 3.50 -17.48 -9.15
CA ALA B 211 3.63 -18.55 -10.14
C ALA B 211 4.52 -18.12 -11.33
N VAL B 212 4.45 -16.84 -11.73
CA VAL B 212 5.23 -16.33 -12.86
C VAL B 212 6.45 -15.51 -12.41
N PHE B 213 6.25 -14.68 -11.40
CA PHE B 213 7.23 -13.66 -11.06
C PHE B 213 7.96 -13.95 -9.76
N LEU B 214 9.28 -13.83 -9.80
CA LEU B 214 10.09 -13.80 -8.59
C LEU B 214 10.79 -12.43 -8.50
N PRO B 215 10.39 -11.61 -7.55
CA PRO B 215 11.02 -10.31 -7.44
C PRO B 215 12.23 -10.25 -6.54
N VAL B 216 13.23 -9.48 -6.94
CA VAL B 216 14.46 -9.28 -6.24
C VAL B 216 14.78 -7.79 -6.16
N LEU B 217 14.86 -7.27 -4.94
CA LEU B 217 14.97 -5.87 -4.70
C LEU B 217 16.37 -5.63 -4.31
N VAL B 218 16.98 -4.63 -4.94
CA VAL B 218 18.36 -4.39 -4.69
C VAL B 218 18.52 -2.93 -4.39
N GLY B 219 19.10 -2.64 -3.23
CA GLY B 219 19.39 -1.26 -2.86
C GLY B 219 20.37 -1.29 -1.74
N PHE B 220 20.47 -0.16 -1.03
CA PHE B 220 21.58 0.07 -0.10
C PHE B 220 21.19 0.80 1.18
N ASN B 221 19.94 0.65 1.55
CA ASN B 221 19.43 1.02 2.86
C ASN B 221 18.77 -0.20 3.43
N PRO B 222 18.75 -0.27 4.75
CA PRO B 222 17.92 -1.29 5.41
C PRO B 222 16.46 -1.01 5.16
N VAL B 223 15.67 -2.07 5.21
CA VAL B 223 14.26 -1.93 4.99
C VAL B 223 13.67 -0.92 5.96
N SER B 224 14.14 -0.85 7.18
CA SER B 224 13.61 0.12 8.14
C SER B 224 13.82 1.58 7.72
N MET B 225 14.61 1.82 6.69
CA MET B 225 14.83 3.17 6.18
C MET B 225 14.33 3.30 4.77
N ALA B 226 13.65 2.28 4.23
CA ALA B 226 13.05 2.42 2.91
C ALA B 226 12.05 3.57 2.90
N ARG B 227 12.00 4.23 1.74
CA ARG B 227 11.16 5.40 1.53
C ARG B 227 9.74 5.04 1.84
N ASN B 228 9.02 5.99 2.42
CA ASN B 228 7.70 5.69 2.99
C ASN B 228 6.73 6.86 2.85
N ASP B 229 6.90 7.75 1.87
CA ASP B 229 5.98 8.81 1.67
C ASP B 229 5.09 8.35 0.59
N PRO B 230 3.81 8.80 0.59
CA PRO B 230 2.86 8.23 -0.33
C PRO B 230 3.33 8.48 -1.77
N ILE B 231 3.15 7.47 -2.62
CA ILE B 231 3.41 7.55 -4.05
C ILE B 231 2.14 8.00 -4.69
N GLU B 232 2.28 8.82 -5.69
CA GLU B 232 1.15 9.56 -6.20
C GLU B 232 0.12 8.69 -6.88
N ASP B 233 0.52 7.59 -7.52
CA ASP B 233 -0.47 6.75 -8.19
C ASP B 233 -0.49 5.34 -7.62
N TRP B 234 -0.30 5.18 -6.33
CA TRP B 234 -0.12 3.83 -5.80
C TRP B 234 -0.40 3.93 -4.30
N SER B 235 -0.95 2.86 -3.71
CA SER B 235 -1.50 2.94 -2.34
C SER B 235 -0.54 2.46 -1.24
N SER B 236 0.28 1.47 -1.57
CA SER B 236 1.33 1.07 -0.67
C SER B 236 2.53 1.96 -0.87
N THR B 237 3.48 1.85 0.02
CA THR B 237 4.60 2.79 0.14
C THR B 237 5.82 1.91 -0.20
N PHE B 238 7.00 2.49 -0.49
CA PHE B 238 8.19 1.61 -0.81
C PHE B 238 8.53 0.65 0.36
N ARG B 239 8.65 1.17 1.57
CA ARG B 239 8.79 0.34 2.82
C ARG B 239 7.86 -0.86 3.01
N GLN B 240 6.63 -0.78 2.54
CA GLN B 240 5.65 -1.81 2.83
C GLN B 240 5.91 -2.91 1.86
N VAL B 241 6.20 -2.52 0.63
CA VAL B 241 6.57 -3.48 -0.41
C VAL B 241 7.84 -4.19 0.03
N ALA B 242 8.83 -3.46 0.49
CA ALA B 242 10.07 -4.12 0.95
C ALA B 242 9.84 -5.03 2.15
N GLU B 243 9.10 -4.56 3.16
CA GLU B 243 8.70 -5.40 4.33
C GLU B 243 8.05 -6.68 3.87
N ARG B 244 7.11 -6.56 2.95
CA ARG B 244 6.40 -7.76 2.47
C ARG B 244 7.32 -8.72 1.70
N MET B 245 8.25 -8.17 0.93
CA MET B 245 9.23 -8.98 0.25
C MET B 245 10.13 -9.73 1.22
N GLN B 246 10.65 -9.03 2.22
CA GLN B 246 11.42 -9.69 3.29
C GLN B 246 10.67 -10.84 3.96
N LYS B 247 9.40 -10.65 4.25
CA LYS B 247 8.58 -11.74 4.83
C LYS B 247 8.52 -12.95 3.87
N MET B 248 8.40 -12.68 2.59
CA MET B 248 8.34 -13.73 1.61
C MET B 248 9.68 -14.44 1.35
N GLN B 249 10.80 -13.80 1.63
CA GLN B 249 12.12 -14.41 1.49
C GLN B 249 12.21 -15.75 2.20
N GLU B 250 11.68 -15.83 3.43
CA GLU B 250 11.63 -17.07 4.21
C GLU B 250 11.18 -18.28 3.42
N LYS B 251 10.21 -18.09 2.52
CA LYS B 251 9.78 -19.13 1.57
C LYS B 251 10.48 -19.03 0.19
N GLN B 252 11.57 -18.27 0.08
CA GLN B 252 12.23 -18.02 -1.23
C GLN B 252 11.29 -17.53 -2.39
N LYS B 253 10.35 -16.70 -2.05
CA LYS B 253 9.35 -16.22 -2.99
C LYS B 253 9.65 -14.78 -3.38
N ALA B 254 10.47 -14.10 -2.56
CA ALA B 254 11.09 -12.83 -2.92
C ALA B 254 12.44 -12.69 -2.23
N PHE B 255 13.25 -11.73 -2.62
CA PHE B 255 14.53 -11.50 -1.96
C PHE B 255 14.75 -10.00 -1.83
N VAL B 256 15.36 -9.61 -0.72
CA VAL B 256 15.80 -8.24 -0.55
C VAL B 256 17.29 -8.30 -0.36
N LEU B 257 18.01 -7.57 -1.18
CA LEU B 257 19.41 -7.70 -1.23
C LEU B 257 19.91 -6.28 -1.07
N ASN B 258 20.19 -5.93 0.19
CA ASN B 258 20.39 -4.54 0.63
C ASN B 258 21.52 -4.26 1.62
N PRO B 259 22.76 -4.53 1.20
CA PRO B 259 23.91 -4.20 2.00
C PRO B 259 24.06 -2.71 2.19
N ALA B 260 24.57 -2.32 3.34
CA ALA B 260 24.87 -0.92 3.59
C ALA B 260 26.29 -0.69 3.07
N ILE B 261 26.50 0.42 2.40
CA ILE B 261 27.81 0.72 1.87
C ILE B 261 28.30 2.07 2.30
N GLY B 262 27.57 2.69 3.22
CA GLY B 262 27.93 3.98 3.71
C GLY B 262 27.47 5.08 2.78
N PRO B 263 27.34 6.27 3.32
CA PRO B 263 26.87 7.37 2.51
C PRO B 263 27.78 7.76 1.37
N GLU B 264 27.21 8.60 0.50
CA GLU B 264 27.91 9.02 -0.71
C GLU B 264 28.85 10.15 -0.36
N GLY B 265 29.99 10.20 -1.03
CA GLY B 265 30.94 11.27 -0.79
C GLY B 265 30.31 12.62 -1.06
N LEU B 266 29.46 12.70 -2.08
CA LEU B 266 28.57 13.83 -2.27
C LEU B 266 27.10 13.32 -1.98
N SER B 267 26.50 13.96 -0.99
CA SER B 267 25.32 13.51 -0.29
C SER B 267 24.23 13.22 -1.24
N GLY B 268 23.74 11.99 -1.26
CA GLY B 268 22.70 11.59 -2.16
C GLY B 268 23.08 11.35 -3.62
N SER B 269 24.33 11.55 -4.02
CA SER B 269 24.67 11.32 -5.41
C SER B 269 24.79 9.84 -5.64
N SER B 270 23.65 9.13 -5.71
CA SER B 270 23.67 7.68 -5.86
C SER B 270 24.15 7.17 -7.20
N ARG B 271 24.43 8.06 -8.16
CA ARG B 271 25.16 7.68 -9.39
C ARG B 271 26.51 7.03 -9.00
N MET B 272 27.09 7.48 -7.91
CA MET B 272 28.42 7.07 -7.46
C MET B 272 28.49 5.67 -6.81
N LYS B 273 28.71 5.57 -5.51
CA LYS B 273 28.80 4.28 -4.87
C LYS B 273 27.59 3.36 -5.16
N GLY B 274 26.41 3.91 -5.09
CA GLY B 274 25.25 3.12 -5.38
C GLY B 274 25.28 2.47 -6.72
N GLY B 275 25.78 3.21 -7.71
CA GLY B 275 25.90 2.65 -9.03
C GLY B 275 27.00 1.60 -9.12
N SER B 276 28.20 1.92 -8.62
CA SER B 276 29.25 0.94 -8.52
C SER B 276 28.80 -0.32 -7.78
N ALA B 277 28.24 -0.16 -6.60
CA ALA B 277 27.82 -1.34 -5.81
C ALA B 277 26.75 -2.17 -6.51
N THR B 278 25.91 -1.50 -7.30
CA THR B 278 24.92 -2.22 -8.08
C THR B 278 25.60 -3.23 -9.03
N LYS B 279 26.56 -2.74 -9.79
CA LYS B 279 27.39 -3.57 -10.67
C LYS B 279 28.07 -4.71 -9.91
N ILE B 280 28.85 -4.29 -8.93
CA ILE B 280 29.55 -5.22 -8.06
C ILE B 280 28.61 -6.30 -7.57
N LEU B 281 27.46 -5.93 -7.05
CA LEU B 281 26.60 -6.91 -6.45
C LEU B 281 26.08 -7.88 -7.51
N LEU B 282 25.62 -7.36 -8.65
CA LEU B 282 24.80 -8.22 -9.54
C LEU B 282 25.64 -8.95 -10.60
N GLU B 283 26.73 -8.33 -11.04
CA GLU B 283 27.71 -8.97 -11.91
C GLU B 283 28.34 -10.18 -11.17
N THR B 284 28.76 -9.96 -9.93
CA THR B 284 29.17 -11.06 -9.09
C THR B 284 28.10 -12.14 -9.11
N LEU B 285 26.89 -11.78 -8.73
CA LEU B 285 25.85 -12.77 -8.49
C LEU B 285 25.50 -13.60 -9.70
N LEU B 286 25.43 -12.94 -10.85
CA LEU B 286 24.97 -13.59 -12.08
C LEU B 286 26.12 -14.22 -12.84
N LEU B 287 27.31 -13.65 -12.71
CA LEU B 287 28.45 -14.31 -13.28
C LEU B 287 28.65 -15.67 -12.55
N ALA B 288 28.48 -15.66 -11.24
CA ALA B 288 28.56 -16.87 -10.49
C ALA B 288 27.46 -17.80 -10.89
N ALA B 289 26.27 -17.27 -11.12
CA ALA B 289 25.14 -18.14 -11.45
C ALA B 289 25.43 -18.95 -12.72
N HIS B 290 26.06 -18.29 -13.69
CA HIS B 290 26.35 -18.88 -14.97
C HIS B 290 27.49 -19.89 -14.85
N LYS B 291 28.66 -19.41 -14.39
CA LYS B 291 29.82 -20.26 -14.05
C LYS B 291 29.52 -21.55 -13.25
N THR B 292 28.55 -21.55 -12.34
CA THR B 292 28.41 -22.69 -11.45
C THR B 292 27.06 -23.38 -11.60
N VAL B 293 26.54 -23.51 -12.81
CA VAL B 293 25.39 -24.38 -13.00
C VAL B 293 25.79 -25.85 -12.71
N ASP B 294 24.87 -26.58 -12.09
CA ASP B 294 25.04 -27.98 -11.71
C ASP B 294 26.45 -28.29 -11.15
N GLN B 295 26.90 -27.44 -10.23
CA GLN B 295 28.05 -27.74 -9.40
C GLN B 295 27.72 -27.65 -7.91
N GLY B 296 26.44 -27.42 -7.59
CA GLY B 296 26.01 -27.37 -6.21
C GLY B 296 26.39 -26.10 -5.50
N ILE B 297 25.70 -25.85 -4.42
CA ILE B 297 25.74 -24.55 -3.78
C ILE B 297 27.15 -24.12 -3.28
N ALA B 298 28.02 -25.06 -2.93
CA ALA B 298 29.35 -24.70 -2.40
C ALA B 298 30.17 -23.98 -3.46
N ALA B 299 30.36 -24.64 -4.60
CA ALA B 299 31.06 -24.05 -5.74
C ALA B 299 30.58 -22.59 -5.97
N SER B 300 29.27 -22.39 -5.84
CA SER B 300 28.63 -21.07 -5.98
C SER B 300 29.12 -20.05 -4.95
N GLN B 301 29.16 -20.44 -3.67
CA GLN B 301 29.62 -19.55 -2.60
C GLN B 301 31.06 -19.10 -2.82
N ARG B 302 31.92 -20.04 -3.18
CA ARG B 302 33.34 -19.79 -3.40
C ARG B 302 33.45 -18.78 -4.52
N CYS B 303 32.71 -19.07 -5.58
CA CYS B 303 32.80 -18.28 -6.79
C CYS B 303 32.30 -16.82 -6.57
N LEU B 304 31.16 -16.66 -5.86
CA LEU B 304 30.75 -15.30 -5.40
C LEU B 304 31.94 -14.60 -4.75
N LEU B 305 32.53 -15.29 -3.80
CA LEU B 305 33.60 -14.70 -3.00
C LEU B 305 34.82 -14.41 -3.85
N GLU B 306 35.15 -15.27 -4.81
CA GLU B 306 36.31 -14.93 -5.66
C GLU B 306 36.07 -13.60 -6.36
N ILE B 307 34.97 -13.51 -7.06
CA ILE B 307 34.61 -12.28 -7.78
C ILE B 307 34.53 -11.01 -6.91
N LEU B 308 33.87 -11.08 -5.75
CA LEU B 308 33.86 -9.91 -4.92
C LEU B 308 35.28 -9.44 -4.64
N ARG B 309 36.14 -10.37 -4.23
CA ARG B 309 37.54 -9.98 -3.90
C ARG B 309 38.28 -9.43 -5.12
N THR B 310 38.00 -9.97 -6.31
CA THR B 310 38.48 -9.32 -7.52
C THR B 310 37.99 -7.86 -7.65
N PHE B 311 36.69 -7.61 -7.55
CA PHE B 311 36.25 -6.20 -7.57
C PHE B 311 36.99 -5.41 -6.48
N GLU B 312 37.21 -6.04 -5.33
CA GLU B 312 37.81 -5.27 -4.27
C GLU B 312 39.27 -4.94 -4.68
N ARG B 313 39.95 -5.85 -5.36
CA ARG B 313 41.33 -5.59 -5.82
C ARG B 313 41.29 -4.37 -6.74
N ALA B 314 40.29 -4.40 -7.64
CA ALA B 314 40.00 -3.33 -8.61
C ALA B 314 39.96 -1.95 -8.02
N HIS B 315 39.36 -1.81 -6.87
CA HIS B 315 39.43 -0.55 -6.18
C HIS B 315 40.86 -0.11 -5.95
N GLN B 316 41.70 -0.93 -5.31
CA GLN B 316 43.10 -0.44 -5.08
C GLN B 316 43.84 -0.35 -6.39
N VAL B 317 43.60 -1.27 -7.30
CA VAL B 317 44.28 -1.13 -8.57
C VAL B 317 43.98 0.26 -9.11
N THR B 318 42.70 0.60 -9.13
CA THR B 318 42.27 1.85 -9.75
C THR B 318 42.82 3.05 -9.00
N TYR B 319 42.75 3.03 -7.68
CA TYR B 319 43.11 4.23 -6.92
C TYR B 319 44.59 4.32 -6.64
N SER B 320 45.37 3.36 -7.12
CA SER B 320 46.84 3.45 -7.03
C SER B 320 47.32 4.57 -7.94
N GLN B 321 46.54 4.85 -8.98
CA GLN B 321 46.72 6.00 -9.84
C GLN B 321 46.22 7.33 -9.29
N SER B 322 46.11 7.48 -7.98
CA SER B 322 45.49 8.70 -7.45
C SER B 322 46.16 10.01 -7.89
N PRO B 323 47.51 10.09 -7.84
CA PRO B 323 48.09 11.41 -8.20
C PRO B 323 47.79 11.86 -9.66
N LYS B 324 47.62 10.90 -10.57
CA LYS B 324 47.36 11.22 -11.98
C LYS B 324 45.87 11.45 -12.26
N ILE B 325 45.01 10.74 -11.51
CA ILE B 325 43.60 11.09 -11.44
C ILE B 325 43.40 12.56 -10.93
N ALA B 326 44.17 13.01 -9.96
CA ALA B 326 44.04 14.42 -9.53
C ALA B 326 44.49 15.43 -10.58
N THR B 327 45.51 15.03 -11.31
CA THR B 327 46.03 15.88 -12.36
C THR B 327 44.92 16.09 -13.42
N LEU B 328 44.27 15.03 -13.83
CA LEU B 328 43.23 15.14 -14.85
C LEU B 328 42.09 16.01 -14.34
N MET B 329 41.72 15.80 -13.08
CA MET B 329 40.62 16.53 -12.46
C MET B 329 40.92 18.03 -12.53
N LYS B 330 42.13 18.44 -12.16
CA LYS B 330 42.57 19.85 -12.36
C LYS B 330 42.47 20.33 -13.81
N SER B 331 42.82 19.49 -14.80
CA SER B 331 42.75 19.93 -16.19
C SER B 331 41.27 20.16 -16.48
N VAL B 332 40.46 19.12 -16.26
CA VAL B 332 39.02 19.19 -16.48
C VAL B 332 38.31 20.33 -15.73
N SER B 333 38.70 20.61 -14.49
CA SER B 333 38.13 21.76 -13.77
C SER B 333 38.49 23.06 -14.44
N THR B 334 39.78 23.24 -14.71
CA THR B 334 40.32 24.44 -15.37
C THR B 334 39.62 24.76 -16.71
N SER B 335 39.37 23.77 -17.56
CA SER B 335 38.58 24.01 -18.77
C SER B 335 37.24 24.69 -18.49
N LEU B 336 36.45 24.06 -17.63
CA LEU B 336 35.14 24.56 -17.25
C LEU B 336 35.24 25.91 -16.57
N GLU B 337 36.35 26.11 -15.86
CA GLU B 337 36.55 27.38 -15.24
C GLU B 337 36.60 28.46 -16.28
N LYS B 338 37.35 28.22 -17.35
CA LYS B 338 37.54 29.20 -18.44
C LYS B 338 36.42 29.12 -19.48
N LYS B 339 35.28 28.56 -19.06
CA LYS B 339 34.08 28.43 -19.89
C LYS B 339 34.22 27.66 -21.22
N GLY B 340 35.23 26.81 -21.30
CA GLY B 340 35.33 25.82 -22.36
C GLY B 340 34.71 24.49 -21.94
N HIS B 341 35.07 23.42 -22.64
CA HIS B 341 34.37 22.15 -22.54
C HIS B 341 35.29 20.92 -22.40
N VAL B 342 34.69 19.75 -22.19
CA VAL B 342 35.41 18.54 -21.89
C VAL B 342 34.84 17.36 -22.63
N TYR B 343 35.69 16.73 -23.42
CA TYR B 343 35.27 15.63 -24.26
C TYR B 343 35.84 14.35 -23.60
N LEU B 344 35.01 13.34 -23.46
CA LEU B 344 35.45 12.05 -23.01
C LEU B 344 35.23 11.17 -24.20
N VAL B 345 36.32 10.90 -24.90
CA VAL B 345 36.27 10.11 -26.11
C VAL B 345 36.69 8.72 -25.75
N GLY B 346 35.83 7.75 -26.01
CA GLY B 346 36.09 6.43 -25.56
C GLY B 346 35.58 5.36 -26.47
N TRP B 347 36.17 4.16 -26.29
CA TRP B 347 35.89 3.04 -27.18
C TRP B 347 35.02 2.02 -26.52
N GLN B 348 34.18 1.42 -27.34
CA GLN B 348 33.32 0.38 -26.83
C GLN B 348 32.49 0.88 -25.63
N THR B 349 32.29 -0.03 -24.70
CA THR B 349 31.47 0.11 -23.54
C THR B 349 32.03 1.16 -22.60
N LEU B 350 33.34 1.30 -22.59
CA LEU B 350 33.94 2.37 -21.84
C LEU B 350 33.45 3.73 -22.35
N GLY B 351 33.14 3.82 -23.63
CA GLY B 351 32.55 5.02 -24.18
C GLY B 351 31.12 5.24 -23.70
N ILE B 352 30.33 4.18 -23.68
CA ILE B 352 29.01 4.27 -23.13
C ILE B 352 29.04 4.86 -21.70
N ILE B 353 29.97 4.36 -20.88
CA ILE B 353 30.19 4.84 -19.50
C ILE B 353 30.56 6.31 -19.50
N ALA B 354 31.38 6.70 -20.46
CA ALA B 354 31.75 8.12 -20.66
C ALA B 354 30.51 8.99 -20.94
N ILE B 355 29.69 8.51 -21.85
CA ILE B 355 28.46 9.21 -22.21
C ILE B 355 27.59 9.38 -20.97
N MET B 356 27.42 8.29 -20.22
CA MET B 356 26.67 8.32 -18.97
C MET B 356 27.25 9.29 -17.98
N ASP B 357 28.55 9.34 -17.80
CA ASP B 357 29.02 10.20 -16.75
C ASP B 357 28.65 11.64 -17.10
N GLY B 358 28.94 12.07 -18.31
CA GLY B 358 28.75 13.43 -18.73
C GLY B 358 27.30 13.88 -18.59
N VAL B 359 26.41 12.99 -18.98
CA VAL B 359 25.00 13.26 -18.93
C VAL B 359 24.57 13.52 -17.50
N GLU B 360 25.21 12.83 -16.57
CA GLU B 360 24.78 12.87 -15.22
C GLU B 360 25.16 14.21 -14.64
N CYS B 361 26.17 14.85 -15.22
CA CYS B 361 26.60 16.14 -14.74
C CYS B 361 25.54 17.19 -14.95
N ILE B 362 24.74 17.00 -15.99
CA ILE B 362 23.63 17.87 -16.30
C ILE B 362 22.75 18.10 -15.08
N HIS B 363 22.19 17.05 -14.51
CA HIS B 363 21.25 17.23 -13.41
C HIS B 363 21.92 17.32 -12.04
N THR B 364 23.02 16.61 -11.91
CA THR B 364 23.80 16.64 -10.71
C THR B 364 24.46 18.00 -10.42
N PHE B 365 24.99 18.66 -11.44
CA PHE B 365 25.74 19.89 -11.19
C PHE B 365 25.16 21.10 -11.91
N GLY B 366 23.98 20.98 -12.53
CA GLY B 366 23.46 22.08 -13.31
C GLY B 366 24.29 22.39 -14.56
N ALA B 367 25.04 21.41 -15.04
CA ALA B 367 25.97 21.67 -16.14
C ALA B 367 25.22 21.62 -17.44
N ASP B 368 25.70 22.40 -18.39
CA ASP B 368 25.21 22.30 -19.74
C ASP B 368 25.71 20.95 -20.31
N PHE B 369 24.95 20.42 -21.22
CA PHE B 369 25.25 19.14 -21.81
C PHE B 369 26.63 19.00 -22.46
N ARG B 370 27.21 20.10 -22.93
CA ARG B 370 28.55 20.09 -23.55
C ARG B 370 29.68 20.33 -22.54
N ASP B 371 29.34 20.70 -21.31
CA ASP B 371 30.31 20.94 -20.26
C ASP B 371 31.19 19.69 -20.03
N VAL B 372 30.56 18.53 -19.84
CA VAL B 372 31.30 17.28 -19.80
C VAL B 372 30.59 16.30 -20.69
N ARG B 373 31.10 16.14 -21.90
CA ARG B 373 30.37 15.34 -22.84
C ARG B 373 31.09 14.05 -23.28
N GLY B 374 30.34 12.97 -23.38
CA GLY B 374 30.95 11.70 -23.72
C GLY B 374 30.69 11.37 -25.17
N PHE B 375 31.59 10.59 -25.75
CA PHE B 375 31.46 10.09 -27.13
C PHE B 375 31.86 8.63 -27.25
N LEU B 376 31.07 7.88 -28.00
CA LEU B 376 31.41 6.54 -28.40
C LEU B 376 31.94 6.47 -29.87
N ILE B 377 33.25 6.27 -30.03
CA ILE B 377 33.86 6.15 -31.36
C ILE B 377 33.66 4.78 -32.03
N GLY B 378 33.00 4.75 -33.20
CA GLY B 378 32.64 3.47 -33.88
C GLY B 378 31.70 2.61 -33.06
N GLN B 393 19.98 9.72 -30.58
CA GLN B 393 18.86 10.63 -30.34
C GLN B 393 19.21 11.82 -29.41
N GLY B 394 18.58 12.96 -29.66
CA GLY B 394 18.84 14.20 -28.94
C GLY B 394 20.10 14.78 -29.56
N PRO B 395 21.14 15.03 -28.75
CA PRO B 395 22.49 15.19 -29.30
C PRO B 395 23.10 13.86 -29.73
N GLN B 396 24.02 13.90 -30.68
CA GLN B 396 24.62 12.69 -31.18
C GLN B 396 25.67 12.16 -30.17
N PHE B 397 25.65 10.83 -29.96
CA PHE B 397 26.56 10.18 -29.02
C PHE B 397 27.49 9.12 -29.67
N THR B 398 27.06 8.48 -30.74
CA THR B 398 27.89 7.50 -31.50
C THR B 398 28.52 8.10 -32.78
N PHE B 399 29.84 8.19 -32.85
CA PHE B 399 30.55 8.77 -34.00
C PHE B 399 31.60 7.85 -34.63
N SER B 400 31.44 7.53 -35.92
CA SER B 400 32.57 6.97 -36.68
C SER B 400 33.77 7.94 -36.65
N GLN B 401 34.96 7.40 -36.91
CA GLN B 401 36.22 8.22 -36.92
C GLN B 401 36.07 9.51 -37.72
N GLU B 402 35.59 9.38 -38.96
CA GLU B 402 35.47 10.52 -39.88
C GLU B 402 34.30 11.39 -39.43
N ASP B 403 33.22 10.79 -38.94
CA ASP B 403 32.12 11.61 -38.40
C ASP B 403 32.64 12.47 -37.25
N PHE B 404 33.52 11.94 -36.42
CA PHE B 404 34.06 12.71 -35.31
C PHE B 404 34.98 13.81 -35.79
N LEU B 405 35.95 13.49 -36.64
CA LEU B 405 36.89 14.54 -37.13
C LEU B 405 36.22 15.62 -38.00
N THR B 406 35.27 15.21 -38.85
CA THR B 406 34.50 16.15 -39.64
C THR B 406 33.67 17.03 -38.68
N SER B 407 32.85 16.38 -37.87
CA SER B 407 31.76 17.07 -37.20
C SER B 407 32.17 17.77 -35.90
N ILE B 408 33.14 17.20 -35.17
CA ILE B 408 33.39 17.63 -33.81
C ILE B 408 34.73 18.31 -33.64
N LEU B 409 35.77 17.78 -34.27
CA LEU B 409 37.08 18.41 -34.17
C LEU B 409 37.06 19.96 -34.28
N PRO B 410 36.41 20.53 -35.33
CA PRO B 410 36.24 22.00 -35.47
C PRO B 410 35.86 22.81 -34.21
N SER B 411 34.90 22.31 -33.44
CA SER B 411 34.45 23.02 -32.24
C SER B 411 35.55 23.29 -31.19
N LEU B 412 36.60 22.49 -31.21
CA LEU B 412 37.59 22.53 -30.16
C LEU B 412 38.47 23.79 -30.17
N THR B 413 38.98 24.09 -28.98
CA THR B 413 39.68 25.31 -28.65
C THR B 413 40.91 24.88 -27.84
N GLU B 414 41.81 25.81 -27.52
CA GLU B 414 43.05 25.46 -26.81
C GLU B 414 42.86 25.32 -25.30
N ILE B 415 41.72 25.79 -24.78
CA ILE B 415 41.34 25.59 -23.36
C ILE B 415 40.61 24.27 -23.08
N ASP B 416 40.07 23.63 -24.13
CA ASP B 416 39.28 22.40 -23.98
C ASP B 416 40.12 21.23 -23.52
N THR B 417 39.59 20.40 -22.61
CA THR B 417 40.20 19.11 -22.24
C THR B 417 39.54 17.90 -22.93
N VAL B 418 40.35 17.07 -23.60
CA VAL B 418 39.86 15.82 -24.20
C VAL B 418 40.53 14.60 -23.54
N VAL B 419 39.74 13.60 -23.21
CA VAL B 419 40.20 12.43 -22.47
C VAL B 419 39.88 11.25 -23.33
N PHE B 420 40.86 10.38 -23.51
CA PHE B 420 40.68 9.21 -24.34
C PHE B 420 40.64 8.01 -23.44
N ILE B 421 39.67 7.15 -23.70
CA ILE B 421 39.45 6.03 -22.82
C ILE B 421 39.30 4.83 -23.68
N PHE B 422 40.16 3.83 -23.47
CA PHE B 422 40.32 2.67 -24.38
C PHE B 422 41.14 1.53 -23.72
N THR B 423 41.12 0.38 -24.37
CA THR B 423 41.89 -0.78 -23.95
C THR B 423 42.85 -1.07 -25.08
N LEU B 424 43.96 -1.74 -24.78
CA LEU B 424 44.91 -2.10 -25.83
C LEU B 424 44.33 -3.12 -26.81
N ASP B 425 43.15 -3.68 -26.52
CA ASP B 425 42.51 -4.63 -27.43
C ASP B 425 41.50 -3.95 -28.40
N ASP B 426 41.60 -2.64 -28.52
CA ASP B 426 40.74 -1.92 -29.42
C ASP B 426 41.60 -1.63 -30.65
N ASN B 427 40.96 -0.99 -31.63
CA ASN B 427 41.60 -0.28 -32.73
C ASN B 427 42.58 0.82 -32.25
N LEU B 428 43.82 0.50 -31.91
CA LEU B 428 44.79 1.57 -31.53
C LEU B 428 45.29 2.43 -32.69
N THR B 429 44.93 2.03 -33.91
CA THR B 429 45.18 2.84 -35.10
C THR B 429 44.21 4.05 -35.06
N GLU B 430 42.92 3.77 -35.29
CA GLU B 430 41.78 4.65 -34.95
C GLU B 430 42.02 5.58 -33.75
N VAL B 431 42.54 5.04 -32.65
CA VAL B 431 42.85 5.87 -31.49
C VAL B 431 43.93 6.90 -31.83
N GLN B 432 45.07 6.46 -32.31
CA GLN B 432 46.09 7.44 -32.64
C GLN B 432 45.65 8.43 -33.75
N THR B 433 44.95 7.96 -34.77
CA THR B 433 44.49 8.89 -35.80
C THR B 433 43.83 10.07 -35.07
N ILE B 434 42.75 9.76 -34.35
CA ILE B 434 41.89 10.79 -33.75
C ILE B 434 42.65 11.66 -32.77
N VAL B 435 43.52 11.06 -31.98
CA VAL B 435 44.30 11.86 -31.07
C VAL B 435 45.34 12.67 -31.82
N GLU B 436 45.82 12.16 -32.97
CA GLU B 436 46.79 12.91 -33.76
C GLU B 436 46.22 14.29 -34.05
N GLN B 437 45.07 14.32 -34.68
CA GLN B 437 44.46 15.58 -35.09
C GLN B 437 43.96 16.41 -33.89
N VAL B 438 43.27 15.79 -32.91
CA VAL B 438 42.85 16.53 -31.70
C VAL B 438 44.01 17.34 -31.12
N LYS B 439 45.15 16.69 -30.96
CA LYS B 439 46.34 17.33 -30.39
C LYS B 439 46.69 18.68 -31.03
N GLU B 440 46.41 18.83 -32.33
CA GLU B 440 46.70 20.08 -33.02
C GLU B 440 45.91 21.28 -32.47
N LYS B 441 44.73 21.03 -31.89
CA LYS B 441 43.82 22.09 -31.40
C LYS B 441 43.99 22.38 -29.87
N THR B 442 44.46 21.39 -29.11
CA THR B 442 44.59 21.55 -27.66
C THR B 442 45.70 20.67 -27.07
N ASN B 443 46.41 21.19 -26.06
CA ASN B 443 47.45 20.40 -25.36
C ASN B 443 46.91 19.65 -24.17
N HIS B 444 45.69 19.99 -23.75
CA HIS B 444 45.04 19.37 -22.61
C HIS B 444 44.38 18.06 -23.02
N ILE B 445 45.25 17.07 -23.26
CA ILE B 445 44.84 15.69 -23.47
C ILE B 445 45.47 14.87 -22.36
N GLN B 446 44.84 13.76 -22.04
CA GLN B 446 45.24 12.88 -20.93
C GLN B 446 44.56 11.56 -21.39
N ALA B 447 45.04 10.40 -20.95
CA ALA B 447 44.45 9.12 -21.41
C ALA B 447 44.19 8.13 -20.31
N LEU B 448 43.30 7.19 -20.57
CA LEU B 448 42.88 6.20 -19.59
C LEU B 448 42.84 4.88 -20.25
N ALA B 449 43.95 4.15 -20.15
CA ALA B 449 44.11 2.94 -20.96
C ALA B 449 44.32 1.71 -20.10
N HIS B 450 43.46 0.73 -20.30
CA HIS B 450 43.56 -0.55 -19.65
C HIS B 450 44.35 -1.54 -20.53
N SER B 451 45.09 -2.42 -19.86
CA SER B 451 45.98 -3.41 -20.48
C SER B 451 46.02 -4.64 -19.59
N THR B 452 46.22 -5.84 -20.15
CA THR B 452 46.69 -6.99 -19.34
C THR B 452 48.21 -6.83 -19.20
N VAL B 453 48.78 -7.14 -18.03
CA VAL B 453 50.24 -7.00 -17.80
C VAL B 453 51.04 -7.74 -18.89
N GLY B 454 52.02 -7.04 -19.46
CA GLY B 454 52.75 -7.53 -20.63
C GLY B 454 52.11 -7.27 -21.99
N GLN B 455 51.34 -6.20 -22.11
CA GLN B 455 50.97 -5.65 -23.42
C GLN B 455 51.73 -4.32 -23.47
N THR B 456 51.95 -3.75 -24.65
CA THR B 456 52.82 -2.54 -24.72
C THR B 456 52.16 -1.36 -25.46
N LEU B 457 52.40 -0.16 -24.92
CA LEU B 457 51.78 1.04 -25.46
C LEU B 457 52.61 1.58 -26.64
N PRO B 458 52.12 1.36 -27.90
CA PRO B 458 52.82 1.81 -29.10
C PRO B 458 53.46 3.18 -28.93
N ILE B 459 54.66 3.39 -29.47
CA ILE B 459 55.25 4.75 -29.58
C ILE B 459 54.43 5.51 -30.64
N PRO B 460 54.21 6.81 -30.41
CA PRO B 460 52.90 7.45 -30.66
C PRO B 460 51.87 6.36 -31.01
N LEU B 461 51.05 5.93 -30.05
CA LEU B 461 50.52 6.72 -28.92
C LEU B 461 51.44 7.26 -27.81
N LYS B 462 52.33 6.45 -27.27
CA LYS B 462 53.03 6.83 -26.05
C LYS B 462 53.69 8.20 -26.11
N LYS B 463 54.16 8.65 -27.28
CA LYS B 463 54.75 10.02 -27.36
C LYS B 463 53.67 11.08 -27.32
N LEU B 464 52.47 10.74 -27.78
CA LEU B 464 51.31 11.61 -27.56
C LEU B 464 50.93 11.74 -26.07
N PHE B 465 50.99 10.65 -25.29
CA PHE B 465 50.59 10.72 -23.87
C PHE B 465 51.78 10.54 -22.91
N PRO B 466 52.40 11.65 -22.47
CA PRO B 466 53.58 11.53 -21.56
C PRO B 466 53.26 10.78 -20.23
N SER B 467 52.48 11.39 -19.33
CA SER B 467 51.97 10.71 -18.12
C SER B 467 50.51 10.25 -18.27
N ILE B 468 50.32 9.38 -19.26
CA ILE B 468 49.10 8.59 -19.47
C ILE B 468 48.63 7.80 -18.24
N ILE B 469 47.32 7.79 -17.98
CA ILE B 469 46.76 6.99 -16.89
C ILE B 469 46.59 5.56 -17.33
N SER B 470 47.59 4.78 -16.99
CA SER B 470 47.68 3.42 -17.41
C SER B 470 47.21 2.61 -16.23
N ILE B 471 46.20 1.80 -16.48
CA ILE B 471 45.73 0.84 -15.54
C ILE B 471 46.10 -0.50 -16.16
N THR B 472 47.16 -1.08 -15.62
CA THR B 472 47.61 -2.40 -16.07
C THR B 472 47.04 -3.48 -15.11
N TRP B 473 46.34 -4.47 -15.66
CA TRP B 473 45.68 -5.55 -14.90
C TRP B 473 46.44 -6.87 -14.92
N PRO B 474 46.81 -7.42 -13.74
CA PRO B 474 47.30 -8.78 -13.67
C PRO B 474 46.51 -9.80 -14.48
N LEU B 475 47.19 -10.78 -15.06
CA LEU B 475 46.55 -11.93 -15.70
C LEU B 475 45.62 -12.63 -14.72
N LEU B 476 44.63 -13.36 -15.25
CA LEU B 476 43.62 -14.03 -14.43
C LEU B 476 42.84 -15.04 -15.22
N PHE B 477 42.71 -16.25 -14.70
CA PHE B 477 41.88 -17.25 -15.35
C PHE B 477 40.52 -16.62 -15.69
N PHE B 478 40.11 -16.77 -16.95
CA PHE B 478 38.73 -16.50 -17.33
C PHE B 478 38.13 -17.72 -18.07
N GLU B 479 36.86 -18.03 -17.76
CA GLU B 479 36.24 -19.26 -18.21
C GLU B 479 35.65 -19.09 -19.59
N TYR B 480 34.95 -17.99 -19.81
CA TYR B 480 34.20 -17.75 -21.03
C TYR B 480 34.97 -16.85 -22.00
N GLU B 481 34.80 -17.09 -23.32
CA GLU B 481 35.67 -16.48 -24.38
C GLU B 481 35.79 -14.95 -24.25
N GLY B 482 34.68 -14.29 -23.97
CA GLY B 482 34.65 -12.83 -23.92
C GLY B 482 35.28 -12.18 -22.71
N ASN B 483 35.76 -12.99 -21.75
CA ASN B 483 36.56 -12.50 -20.60
C ASN B 483 35.76 -11.42 -19.81
N PHE B 484 34.58 -11.83 -19.38
CA PHE B 484 33.58 -10.94 -18.81
C PHE B 484 34.05 -10.34 -17.49
N ILE B 485 34.71 -11.15 -16.68
CA ILE B 485 35.29 -10.65 -15.47
C ILE B 485 36.32 -9.57 -15.77
N GLN B 486 36.89 -9.55 -16.96
CA GLN B 486 37.82 -8.46 -17.31
C GLN B 486 37.06 -7.21 -17.78
N LYS B 487 35.94 -7.43 -18.46
CA LYS B 487 35.10 -6.35 -18.90
C LYS B 487 34.62 -5.67 -17.64
N PHE B 488 34.08 -6.46 -16.71
CA PHE B 488 33.56 -5.87 -15.49
C PHE B 488 34.57 -5.03 -14.76
N GLN B 489 35.78 -5.57 -14.57
CA GLN B 489 36.81 -4.75 -13.91
C GLN B 489 37.06 -3.45 -14.57
N ARG B 490 37.07 -3.47 -15.89
CA ARG B 490 37.37 -2.28 -16.67
C ARG B 490 36.24 -1.26 -16.66
N GLU B 491 35.00 -1.75 -16.78
CA GLU B 491 33.81 -0.91 -16.67
C GLU B 491 33.82 -0.20 -15.31
N LEU B 492 33.99 -0.99 -14.25
CA LEU B 492 34.01 -0.45 -12.89
C LEU B 492 35.11 0.56 -12.68
N SER B 493 36.30 0.20 -13.15
CA SER B 493 37.46 1.06 -12.98
C SER B 493 37.29 2.43 -13.64
N THR B 494 36.66 2.41 -14.80
CA THR B 494 36.49 3.63 -15.59
C THR B 494 35.44 4.50 -14.88
N LYS B 495 34.34 3.87 -14.49
CA LYS B 495 33.30 4.57 -13.76
C LYS B 495 33.91 5.27 -12.55
N TRP B 496 34.70 4.57 -11.76
CA TRP B 496 35.31 5.22 -10.59
C TRP B 496 36.11 6.45 -10.99
N VAL B 497 36.91 6.34 -12.04
CA VAL B 497 37.77 7.46 -12.44
C VAL B 497 36.98 8.69 -12.88
N LEU B 498 36.11 8.50 -13.86
CA LEU B 498 35.22 9.55 -14.35
C LEU B 498 34.31 10.16 -13.26
N ASN B 499 33.55 9.32 -12.56
CA ASN B 499 32.79 9.81 -11.39
C ASN B 499 33.63 10.77 -10.52
N THR B 500 34.82 10.30 -10.10
CA THR B 500 35.70 11.14 -9.27
C THR B 500 36.11 12.40 -9.98
N VAL B 501 36.43 12.27 -11.26
CA VAL B 501 36.93 13.41 -12.05
C VAL B 501 35.82 14.44 -12.25
N SER B 502 34.67 13.96 -12.72
CA SER B 502 33.55 14.87 -12.94
C SER B 502 33.10 15.50 -11.64
N THR B 503 32.95 14.69 -10.60
CA THR B 503 32.45 15.18 -9.34
C THR B 503 33.45 16.18 -8.75
N GLY B 504 34.74 15.81 -8.69
CA GLY B 504 35.75 16.70 -8.08
C GLY B 504 36.03 17.95 -8.90
N ALA B 505 36.02 17.80 -10.22
CA ALA B 505 36.16 18.98 -11.07
C ALA B 505 35.08 20.02 -10.70
N HIS B 506 33.85 19.58 -10.47
CA HIS B 506 32.78 20.53 -10.09
C HIS B 506 32.89 21.05 -8.67
N VAL B 507 33.39 20.23 -7.75
CA VAL B 507 33.68 20.71 -6.42
C VAL B 507 34.74 21.80 -6.42
N LEU B 508 35.82 21.62 -7.20
CA LEU B 508 36.88 22.64 -7.17
C LEU B 508 36.38 24.03 -7.62
N LEU B 509 35.36 24.05 -8.45
CA LEU B 509 34.74 25.31 -8.86
C LEU B 509 33.88 25.97 -7.79
N GLY B 510 33.77 25.36 -6.63
CA GLY B 510 32.98 25.91 -5.54
C GLY B 510 31.49 25.63 -5.66
N LYS B 511 31.10 24.63 -6.45
CA LYS B 511 29.67 24.38 -6.70
C LYS B 511 29.01 23.59 -5.58
N ILE B 512 29.84 22.96 -4.74
CA ILE B 512 29.34 22.09 -3.71
C ILE B 512 29.49 22.81 -2.37
N LEU B 513 28.43 22.77 -1.57
CA LEU B 513 28.39 23.37 -0.26
C LEU B 513 28.61 22.30 0.82
N GLN B 514 29.82 22.31 1.41
CA GLN B 514 30.31 21.26 2.30
C GLN B 514 30.39 19.90 1.54
N ASN B 515 29.34 19.08 1.59
CA ASN B 515 29.22 17.90 0.74
C ASN B 515 27.79 17.77 0.25
N HIS B 516 27.19 18.92 -0.02
CA HIS B 516 25.83 18.98 -0.55
C HIS B 516 25.85 19.74 -1.87
N MET B 517 25.04 19.30 -2.80
CA MET B 517 24.69 20.11 -3.94
C MET B 517 23.41 20.87 -3.58
N LEU B 518 23.55 22.08 -3.09
CA LEU B 518 22.40 22.86 -2.64
C LEU B 518 21.48 23.22 -3.79
N ASP B 519 22.09 23.68 -4.85
CA ASP B 519 21.43 24.29 -5.97
C ASP B 519 21.05 23.29 -7.06
N LEU B 520 20.25 22.31 -6.69
CA LEU B 520 19.80 21.30 -7.61
C LEU B 520 18.46 21.63 -8.26
N ARG B 521 18.13 20.91 -9.31
CA ARG B 521 16.94 21.22 -10.08
C ARG B 521 15.88 20.27 -9.56
N ILE B 522 14.79 20.81 -9.01
CA ILE B 522 13.80 19.92 -8.38
C ILE B 522 13.01 19.24 -9.48
N SER B 523 13.44 18.04 -9.88
CA SER B 523 12.85 17.38 -11.04
C SER B 523 12.06 16.09 -10.70
N ASN B 524 12.00 15.69 -9.42
CA ASN B 524 11.09 14.58 -9.01
C ASN B 524 10.77 14.65 -7.50
N SER B 525 9.98 13.71 -7.00
CA SER B 525 9.63 13.79 -5.58
C SER B 525 10.83 13.70 -4.63
N LYS B 526 11.74 12.80 -4.91
CA LYS B 526 12.91 12.64 -4.06
C LYS B 526 13.73 13.91 -4.01
N LEU B 527 13.91 14.61 -5.11
CA LEU B 527 14.74 15.84 -5.12
C LEU B 527 14.03 17.00 -4.44
N PHE B 528 12.69 16.97 -4.48
CA PHE B 528 11.88 17.90 -3.71
C PHE B 528 12.13 17.70 -2.20
N TRP B 529 11.96 16.46 -1.75
CA TRP B 529 12.28 16.19 -0.35
C TRP B 529 13.73 16.58 0.03
N ARG B 530 14.67 16.43 -0.90
CA ARG B 530 16.06 16.70 -0.60
C ARG B 530 16.25 18.21 -0.54
N ALA B 531 15.63 18.94 -1.43
CA ALA B 531 15.67 20.37 -1.30
C ALA B 531 15.19 20.73 0.11
N LEU B 532 14.02 20.23 0.51
CA LEU B 532 13.47 20.63 1.80
C LEU B 532 14.41 20.26 2.96
N ALA B 533 14.90 19.03 2.97
CA ALA B 533 15.82 18.64 3.99
C ALA B 533 17.08 19.53 4.06
N MET B 534 17.51 20.07 2.92
CA MET B 534 18.69 20.91 2.91
C MET B 534 18.34 22.27 3.45
N LEU B 535 17.14 22.75 3.15
CA LEU B 535 16.69 23.99 3.76
C LEU B 535 16.67 23.88 5.28
N GLN B 536 16.14 22.78 5.79
CA GLN B 536 16.17 22.52 7.23
C GLN B 536 17.60 22.48 7.82
N ARG B 537 18.50 21.69 7.24
CA ARG B 537 19.84 21.61 7.80
C ARG B 537 20.52 22.98 7.81
N PHE B 538 20.51 23.63 6.68
CA PHE B 538 21.30 24.86 6.52
C PHE B 538 20.66 26.09 7.16
N SER B 539 19.33 26.16 7.25
CA SER B 539 18.66 27.30 7.90
C SER B 539 18.44 27.04 9.36
N GLY B 540 18.21 25.78 9.71
CA GLY B 540 17.97 25.35 11.09
C GLY B 540 16.59 25.73 11.60
N GLN B 541 15.72 26.17 10.68
CA GLN B 541 14.36 26.62 11.00
C GLN B 541 13.26 25.56 10.82
N SER B 542 12.12 25.80 11.40
CA SER B 542 11.06 24.81 11.44
C SER B 542 10.74 24.32 10.03
N LYS B 543 10.15 23.14 9.97
CA LYS B 543 9.75 22.60 8.71
C LYS B 543 8.68 23.45 8.05
N ALA B 544 7.82 24.08 8.84
CA ALA B 544 6.75 24.89 8.24
C ALA B 544 7.34 26.13 7.56
N ARG B 545 8.30 26.78 8.19
CA ARG B 545 8.90 27.93 7.57
C ARG B 545 9.68 27.51 6.34
N CYS B 546 10.41 26.39 6.49
CA CYS B 546 11.14 25.78 5.39
C CYS B 546 10.21 25.37 4.26
N ILE B 547 9.09 24.72 4.57
CA ILE B 547 8.16 24.35 3.51
C ILE B 547 7.56 25.56 2.81
N GLU B 548 7.22 26.61 3.58
CA GLU B 548 6.61 27.78 2.99
C GLU B 548 7.58 28.54 2.11
N SER B 549 8.82 28.60 2.53
CA SER B 549 9.77 29.31 1.72
C SER B 549 9.99 28.54 0.43
N LEU B 550 10.08 27.22 0.52
CA LEU B 550 10.30 26.41 -0.65
C LEU B 550 9.18 26.63 -1.60
N LEU B 551 7.94 26.54 -1.13
CA LEU B 551 6.84 26.54 -2.09
C LEU B 551 6.61 27.91 -2.68
N ARG B 552 6.90 28.94 -1.91
CA ARG B 552 6.79 30.31 -2.42
C ARG B 552 7.80 30.56 -3.52
N ALA B 553 9.04 30.15 -3.25
CA ALA B 553 10.14 30.26 -4.20
C ALA B 553 9.81 29.51 -5.54
N ILE B 554 9.22 28.33 -5.41
CA ILE B 554 8.85 27.60 -6.58
C ILE B 554 7.85 28.38 -7.39
N HIS B 555 6.75 28.69 -6.74
CA HIS B 555 5.58 29.20 -7.44
C HIS B 555 5.52 30.72 -7.74
N PHE B 556 6.47 31.49 -7.19
CA PHE B 556 6.57 32.91 -7.47
C PHE B 556 6.43 33.15 -8.94
N PRO B 557 5.68 34.19 -9.35
CA PRO B 557 4.96 35.22 -8.60
C PRO B 557 3.58 34.83 -8.04
N GLN B 558 3.18 33.56 -8.13
CA GLN B 558 1.94 33.13 -7.50
C GLN B 558 2.09 33.13 -5.97
N PRO B 559 1.08 33.68 -5.26
CA PRO B 559 1.07 33.53 -3.78
C PRO B 559 0.66 32.11 -3.42
N LEU B 560 1.06 31.68 -2.23
CA LEU B 560 0.58 30.46 -1.62
C LEU B 560 -0.90 30.49 -1.42
N SER B 561 -1.63 29.64 -2.12
CA SER B 561 -3.04 29.46 -1.85
C SER B 561 -3.24 28.17 -1.07
N ASP B 562 -4.47 27.94 -0.64
CA ASP B 562 -4.79 26.69 0.02
C ASP B 562 -4.50 25.57 -0.98
N ASP B 563 -4.85 25.78 -2.24
CA ASP B 563 -4.77 24.73 -3.23
C ASP B 563 -3.31 24.31 -3.39
N ILE B 564 -2.43 25.31 -3.43
CA ILE B 564 -1.03 25.07 -3.64
C ILE B 564 -0.49 24.37 -2.41
N ARG B 565 -0.86 24.80 -1.22
CA ARG B 565 -0.35 24.10 -0.04
C ARG B 565 -0.68 22.61 -0.08
N ALA B 566 -1.89 22.29 -0.52
CA ALA B 566 -2.41 20.92 -0.51
C ALA B 566 -2.16 20.12 -1.81
N ALA B 567 -1.58 20.77 -2.80
CA ALA B 567 -1.39 20.12 -4.09
C ALA B 567 -0.44 18.95 -3.91
N PRO B 568 -0.54 17.94 -4.80
CA PRO B 568 0.42 16.85 -4.77
C PRO B 568 1.81 17.33 -5.16
N ILE B 569 2.84 16.66 -4.64
CA ILE B 569 4.21 16.99 -4.96
C ILE B 569 4.53 17.12 -6.47
N SER B 570 3.92 16.33 -7.34
CA SER B 570 4.17 16.56 -8.78
C SER B 570 3.86 17.96 -9.27
N CYS B 571 2.85 18.59 -8.68
CA CYS B 571 2.52 19.96 -9.03
C CYS B 571 3.73 20.90 -8.72
N HIS B 572 4.38 20.75 -7.57
CA HIS B 572 5.57 21.59 -7.30
C HIS B 572 6.76 21.20 -8.19
N VAL B 573 6.87 19.92 -8.48
CA VAL B 573 7.92 19.45 -9.34
C VAL B 573 7.79 20.01 -10.76
N GLN B 574 6.60 19.91 -11.35
CA GLN B 574 6.39 20.39 -12.70
C GLN B 574 6.77 21.88 -12.79
N VAL B 575 6.43 22.67 -11.77
CA VAL B 575 6.76 24.07 -11.82
C VAL B 575 8.23 24.29 -11.53
N ALA B 576 8.78 23.70 -10.47
CA ALA B 576 10.15 23.95 -10.09
C ALA B 576 11.17 23.47 -11.12
N HIS B 577 10.81 22.42 -11.84
CA HIS B 577 11.72 21.89 -12.86
C HIS B 577 12.14 22.91 -13.92
N GLU B 578 11.28 23.91 -14.14
CA GLU B 578 11.46 24.88 -15.22
C GLU B 578 12.20 26.09 -14.74
N LYS B 579 12.69 26.10 -13.50
CA LYS B 579 13.20 27.36 -12.93
C LYS B 579 14.64 27.25 -12.50
N GLU B 580 15.23 28.39 -12.19
CA GLU B 580 16.63 28.49 -11.75
C GLU B 580 16.80 29.00 -10.30
N GLN B 581 17.80 28.46 -9.61
CA GLN B 581 18.13 28.85 -8.24
C GLN B 581 16.96 28.80 -7.28
N VAL B 582 16.06 27.86 -7.48
CA VAL B 582 14.93 27.76 -6.61
C VAL B 582 15.37 27.56 -5.16
N ILE B 583 16.35 26.71 -4.92
CA ILE B 583 16.65 26.33 -3.57
C ILE B 583 17.43 27.42 -2.88
N PRO B 584 18.40 27.99 -3.57
CA PRO B 584 19.11 29.16 -2.94
C PRO B 584 18.19 30.39 -2.69
N ILE B 585 17.26 30.69 -3.58
CA ILE B 585 16.32 31.74 -3.28
C ILE B 585 15.51 31.37 -2.05
N ALA B 586 14.94 30.18 -1.98
CA ALA B 586 14.22 29.72 -0.78
C ALA B 586 15.05 29.81 0.51
N LEU B 587 16.36 29.59 0.42
CA LEU B 587 17.23 29.68 1.61
C LEU B 587 17.59 31.12 1.97
N LEU B 588 17.71 31.99 1.01
CA LEU B 588 18.03 33.38 1.33
C LEU B 588 16.84 33.99 2.06
N SER B 589 15.65 33.77 1.50
CA SER B 589 14.40 34.17 2.15
C SER B 589 14.32 33.75 3.61
N LEU B 590 14.82 32.57 3.91
CA LEU B 590 14.83 32.08 5.26
C LEU B 590 15.88 32.78 6.08
N LEU B 591 17.11 32.80 5.59
CA LEU B 591 18.20 33.36 6.40
C LEU B 591 17.97 34.88 6.66
N PHE B 592 17.40 35.58 5.70
CA PHE B 592 17.15 37.00 5.86
C PHE B 592 15.79 37.34 6.43
N ARG B 593 14.95 36.34 6.69
CA ARG B 593 13.59 36.57 7.15
C ARG B 593 12.91 37.53 6.21
N CYS B 594 13.02 37.28 4.91
CA CYS B 594 12.57 38.21 3.88
C CYS B 594 11.69 37.54 2.85
N SER B 595 11.17 38.32 1.89
CA SER B 595 10.29 37.78 0.86
C SER B 595 11.08 37.24 -0.31
N ILE B 596 10.37 36.50 -1.16
CA ILE B 596 10.97 36.02 -2.37
C ILE B 596 11.42 37.23 -3.16
N THR B 597 10.61 38.28 -3.20
CA THR B 597 10.96 39.46 -3.97
C THR B 597 12.29 40.03 -3.48
N GLU B 598 12.44 40.00 -2.17
CA GLU B 598 13.64 40.58 -1.57
C GLU B 598 14.83 39.67 -1.79
N ALA B 599 14.60 38.36 -1.73
CA ALA B 599 15.66 37.37 -1.91
C ALA B 599 16.18 37.32 -3.36
N GLN B 600 15.29 37.51 -4.34
CA GLN B 600 15.68 37.51 -5.76
C GLN B 600 16.58 38.68 -6.08
N ALA B 601 16.18 39.84 -5.59
CA ALA B 601 16.94 41.06 -5.80
C ALA B 601 18.31 40.94 -5.11
N HIS B 602 18.35 40.28 -3.96
CA HIS B 602 19.60 40.15 -3.25
C HIS B 602 20.59 39.32 -4.06
N LEU B 603 20.09 38.21 -4.62
CA LEU B 603 20.88 37.33 -5.45
C LEU B 603 21.41 38.07 -6.65
N ALA B 604 20.49 38.57 -7.48
CA ALA B 604 20.83 39.27 -8.71
C ALA B 604 21.89 40.36 -8.51
N ALA B 605 22.04 40.87 -7.30
CA ALA B 605 23.06 41.86 -6.97
C ALA B 605 24.44 41.27 -6.58
N ALA B 606 24.44 40.06 -6.02
CA ALA B 606 25.68 39.46 -5.53
C ALA B 606 26.56 38.93 -6.71
N PRO B 607 27.83 38.63 -6.45
CA PRO B 607 28.69 38.26 -7.59
C PRO B 607 28.34 36.91 -8.25
N SER B 608 27.89 35.94 -7.45
CA SER B 608 27.65 34.56 -7.88
C SER B 608 26.65 33.96 -6.92
N VAL B 609 25.81 33.06 -7.43
CA VAL B 609 24.98 32.30 -6.56
C VAL B 609 25.75 31.84 -5.33
N CYS B 610 26.85 31.14 -5.54
CA CYS B 610 27.60 30.53 -4.43
C CYS B 610 28.10 31.52 -3.39
N GLU B 611 28.53 32.69 -3.84
CA GLU B 611 29.02 33.69 -2.90
C GLU B 611 27.84 34.28 -2.09
N ALA B 612 26.70 34.53 -2.74
CA ALA B 612 25.52 35.01 -2.03
C ALA B 612 25.18 34.06 -0.92
N VAL B 613 25.15 32.75 -1.22
CA VAL B 613 24.74 31.73 -0.23
C VAL B 613 25.72 31.63 0.91
N ARG B 614 27.00 31.67 0.59
CA ARG B 614 28.05 31.56 1.62
C ARG B 614 28.12 32.77 2.58
N SER B 615 27.94 33.99 2.05
CA SER B 615 27.88 35.24 2.86
C SER B 615 26.69 35.21 3.79
N ALA B 616 25.56 34.80 3.26
CA ALA B 616 24.36 34.74 4.08
C ALA B 616 24.53 33.71 5.22
N LEU B 617 25.23 32.61 4.96
CA LEU B 617 25.44 31.63 6.03
C LEU B 617 26.38 32.10 7.12
N ALA B 618 27.23 33.10 6.86
CA ALA B 618 28.19 33.61 7.87
C ALA B 618 27.83 34.97 8.48
#